data_8GY2
#
_entry.id   8GY2
#
_cell.length_a   1.00
_cell.length_b   1.00
_cell.length_c   1.00
_cell.angle_alpha   90.00
_cell.angle_beta   90.00
_cell.angle_gamma   90.00
#
_symmetry.space_group_name_H-M   'P 1'
#
loop_
_entity.id
_entity.type
_entity.pdbx_description
1 polymer 'Alcohol dehydrogenase (quinone), dehydrogenase subunit'
2 polymer 'Alcohol dehydrogenase (quinone), cytochrome c subunit'
3 polymer 'Small subunit of alcohol dehydrogenase'
4 non-polymer 'HEME C'
5 non-polymer 'PYRROLOQUINOLINE QUINONE'
6 non-polymer 'CALCIUM ION'
7 non-polymer UBIQUINONE-10
#
loop_
_entity_poly.entity_id
_entity_poly.type
_entity_poly.pdbx_seq_one_letter_code
_entity_poly.pdbx_strand_id
1 'polypeptide(L)'
;MTSGLLTPIKVTKKRLLSCAAALAFSAAVPVAFAQEDTGTAITSSDNGGHPGDWLSYGRSYSEQRYSPLDQINTENVGKL
KLAWHYDLDTNRGQEGTPLIVNGVMYATTNWSKMKALDAATGKLLWSYDPKVPGNIADRGCCDTVSRGAAYWNGKVYFGT
FDGRLIALDAKTGKLVWSVYTIPKEAQLGHQRSYTVDGAPRIAKGKVLIGNGGAEFGARGFVSAFDAETGKLDWRFFTVP
NPENKPDGAASDDILMSKAYPTWGKNGAWKQQGGGGTVWDSLVYDPVTDLVYLGVGNGSPWNYKFRSEGKGDNLFLGSIV
AINPDTGKYVWHFQETPMDEWDYTSVQQIMTLDMPVNGEMRHVIVHAPKNGFFYIIDAKTGKFITGKPYTYENWANGLDP
VTGRPNYVPDALWTLTGKPWLGIPGELGGHNFAAMAYSPKTKLVYIPAQQIPLLYDGQKGGFKAYHDAWNLGLDMNKIGL
FDDNDPEHVAAKKDFLKVLKGWTVAWDPEKMAPAFTINHKGPWNGGLLATAGNVIFQGLANGEFHAYDATNGNDLYSFPA
QSAIIAPPVTYTANGKQYVAVEVGWGGIYPFLYGGVARTSGWTVNHSRVIAFSLDGKDSLPPKNELGFTPVKPVPTYDEA
RQKDGYFMYQTFCSACHGDNAISGGVLPDLRWSGAPRGRESFYKLVGRGALTAYGMDRFDTSMTPEQIEDIRNFIVKRAN
ESYDDEVKARENSTGVPNDQFLNVPQSTADVPTADHP
;
A
2 'polypeptide(L)'
;MLNALTRDRLVSEMKQGWKLAAAIGLMAVSFGAAHAQDADEALIKRGEYVARLSDCIACHTALHGQPYAGGLEIKSPIGT
IYSTNITPDPEHGIGNYTLEDFTKALRKGIRKDGATVYPAMPYPEFARLSDDDIRAMYAFFMHGVKPVALQNKAPDISWP
LSMRWPLGMWRAMFVPSMTPGVDKSISDPEVARGEYLVNGPGHCGECHTPRGFGMQVKAYGTAGGNAYLAGGAPIDNWIA
PSLRSNSDTGLGRWSEDDIVTFLKSGRIDHSAVFGGMADVVAYSTQHWSDDDLRATAKYLKSMPAVPEGKNLGQDDGQTT
ALLNKGGQGNAGAEVYLHNCAICHMNDGTGVNRMFPPLAGNPVVITDDPTSLANVVAFGGILPPTNSAPSAVAMPGFKNH
LSDQEMADVVNFMRKGWGNNAPGTVSASDIQKLRTTGAPVSTAGWNVSSKGWMAYMPQPYGEDWTFSPQTHTGVDDAQ
;
B
3 'polypeptide(L)'
;MFRRIVPVLGLALGLGLASQAAMAQEQSPPPPPAVQGTPGKDFTGVSPANLAGIMNYCVEQQYVSYDEGNPVLYGLSEKY
KATEQTVGNFDYALGTAGYFDSNGKRFYLVAYTNEDDRRAACHAAVKAAQPML
;
C
#
# COMPACT_ATOMS: atom_id res chain seq x y z
N GLN A 35 18.67 28.20 -0.09
CA GLN A 35 20.08 28.00 0.21
C GLN A 35 20.35 28.23 1.69
N GLU A 36 20.89 29.40 2.04
CA GLU A 36 21.25 29.75 3.42
C GLU A 36 22.32 28.78 3.93
N ASP A 37 22.97 28.10 2.98
CA ASP A 37 23.86 26.98 3.28
C ASP A 37 23.07 25.96 4.10
N THR A 38 22.08 25.32 3.46
CA THR A 38 21.35 24.24 4.10
C THR A 38 22.31 23.28 4.79
N GLY A 39 21.92 22.84 5.97
CA GLY A 39 22.81 22.10 6.84
C GLY A 39 23.20 22.99 8.00
N THR A 40 23.57 24.24 7.70
CA THR A 40 23.66 25.24 8.75
C THR A 40 22.28 25.53 9.34
N ALA A 41 21.26 25.64 8.48
CA ALA A 41 19.90 25.81 8.96
C ALA A 41 19.43 24.60 9.75
N ILE A 42 19.76 23.39 9.27
CA ILE A 42 19.34 22.19 9.97
C ILE A 42 20.04 22.06 11.32
N THR A 43 21.31 22.48 11.40
CA THR A 43 22.02 22.48 12.67
C THR A 43 21.42 23.50 13.63
N SER A 44 21.14 24.71 13.12
CA SER A 44 20.50 25.73 13.95
C SER A 44 19.11 25.33 14.39
N SER A 45 18.45 24.43 13.64
CA SER A 45 17.14 23.95 14.04
C SER A 45 17.17 23.23 15.38
N ASP A 46 18.33 22.74 15.80
CA ASP A 46 18.48 22.12 17.11
C ASP A 46 18.64 23.13 18.24
N ASN A 47 18.91 24.39 17.92
CA ASN A 47 19.14 25.42 18.92
C ASN A 47 18.18 26.58 18.79
N GLY A 48 16.94 26.30 18.36
CA GLY A 48 15.91 27.31 18.26
C GLY A 48 15.81 28.02 16.93
N GLY A 49 16.77 27.81 16.02
CA GLY A 49 16.68 28.42 14.71
C GLY A 49 15.66 27.73 13.83
N HIS A 50 15.14 28.50 12.88
CA HIS A 50 14.11 28.04 11.95
C HIS A 50 12.95 27.37 12.68
N PRO A 51 12.27 28.08 13.58
CA PRO A 51 11.24 27.42 14.42
C PRO A 51 10.05 26.89 13.64
N GLY A 52 9.79 27.39 12.44
CA GLY A 52 8.61 26.98 11.70
C GLY A 52 8.90 26.21 10.44
N ASP A 53 9.95 25.38 10.46
CA ASP A 53 10.33 24.60 9.30
C ASP A 53 10.64 23.16 9.72
N TRP A 54 10.45 22.24 8.79
CA TRP A 54 10.76 20.82 8.98
C TRP A 54 11.67 20.43 7.82
N LEU A 55 12.97 20.63 8.00
CA LEU A 55 13.92 20.52 6.89
C LEU A 55 14.53 19.14 6.75
N SER A 56 14.53 18.33 7.80
CA SER A 56 15.11 16.99 7.77
C SER A 56 14.03 15.96 8.11
N TYR A 57 14.43 14.69 8.13
CA TYR A 57 13.49 13.63 8.45
C TYR A 57 12.97 13.76 9.87
N GLY A 58 13.86 14.05 10.82
CA GLY A 58 13.47 14.23 12.21
C GLY A 58 13.44 15.69 12.62
N ARG A 59 13.27 16.58 11.64
CA ARG A 59 13.18 18.03 11.83
C ARG A 59 14.54 18.63 12.19
N SER A 60 15.53 17.77 12.42
CA SER A 60 16.85 18.23 12.80
C SER A 60 17.81 17.06 12.65
N TYR A 61 19.11 17.35 12.77
CA TYR A 61 20.12 16.31 12.68
C TYR A 61 20.11 15.39 13.89
N SER A 62 19.59 15.85 15.02
CA SER A 62 19.49 15.02 16.21
C SER A 62 18.30 14.06 16.17
N GLU A 63 17.36 14.25 15.24
CA GLU A 63 16.19 13.39 15.08
C GLU A 63 15.36 13.33 16.36
N GLN A 64 15.36 14.42 17.13
CA GLN A 64 14.55 14.49 18.34
C GLN A 64 13.07 14.68 18.05
N ARG A 65 12.72 15.20 16.86
CA ARG A 65 11.34 15.44 16.47
C ARG A 65 10.62 16.33 17.49
N TYR A 66 11.31 17.35 17.97
CA TYR A 66 10.76 18.29 18.94
C TYR A 66 10.70 19.67 18.32
N SER A 67 9.55 20.32 18.44
CA SER A 67 9.34 21.62 17.82
C SER A 67 9.16 22.69 18.88
N PRO A 68 9.87 23.81 18.78
CA PRO A 68 9.76 24.87 19.78
C PRO A 68 8.54 25.78 19.64
N LEU A 69 7.57 25.41 18.82
CA LEU A 69 6.39 26.24 18.63
C LEU A 69 5.39 25.96 19.75
N ASP A 70 5.00 27.01 20.48
CA ASP A 70 4.07 26.89 21.60
C ASP A 70 2.75 27.60 21.33
N GLN A 71 2.40 27.82 20.06
CA GLN A 71 1.10 28.38 19.74
C GLN A 71 -0.03 27.46 20.15
N ILE A 72 0.19 26.15 20.05
CA ILE A 72 -0.77 25.14 20.46
C ILE A 72 -0.23 24.47 21.71
N ASN A 73 -0.95 24.63 22.83
CA ASN A 73 -0.49 24.09 24.11
C ASN A 73 -1.58 23.26 24.79
N THR A 74 -1.30 22.82 26.02
CA THR A 74 -2.21 21.90 26.71
C THR A 74 -3.57 22.55 26.96
N GLU A 75 -3.57 23.79 27.44
CA GLU A 75 -4.83 24.47 27.72
C GLU A 75 -5.55 24.94 26.46
N ASN A 76 -5.01 24.63 25.28
CA ASN A 76 -5.52 25.18 24.03
C ASN A 76 -5.73 24.11 22.96
N VAL A 77 -4.98 22.99 22.99
CA VAL A 77 -5.05 22.01 21.92
C VAL A 77 -6.43 21.37 21.80
N GLY A 78 -7.22 21.39 22.88
CA GLY A 78 -8.56 20.83 22.81
C GLY A 78 -9.48 21.55 21.85
N LYS A 79 -9.11 22.75 21.43
CA LYS A 79 -9.89 23.54 20.48
C LYS A 79 -9.40 23.38 19.05
N LEU A 80 -8.52 22.42 18.79
CA LEU A 80 -7.98 22.21 17.46
C LEU A 80 -9.08 21.80 16.49
N LYS A 81 -8.97 22.26 15.25
CA LYS A 81 -9.91 21.91 14.19
C LYS A 81 -9.14 21.59 12.92
N LEU A 82 -9.76 20.78 12.07
CA LEU A 82 -9.13 20.41 10.81
C LEU A 82 -9.03 21.62 9.89
N ALA A 83 -7.81 21.91 9.43
CA ALA A 83 -7.59 23.06 8.56
C ALA A 83 -7.78 22.72 7.10
N TRP A 84 -7.13 21.66 6.63
CA TRP A 84 -7.29 21.26 5.23
C TRP A 84 -6.94 19.79 5.06
N HIS A 85 -7.24 19.26 3.88
CA HIS A 85 -6.93 17.90 3.53
C HIS A 85 -6.68 17.80 2.03
N TYR A 86 -5.95 16.76 1.64
CA TYR A 86 -5.61 16.51 0.24
C TYR A 86 -5.63 15.01 0.01
N ASP A 87 -6.46 14.56 -0.92
CA ASP A 87 -6.63 13.14 -1.17
C ASP A 87 -5.52 12.61 -2.07
N LEU A 88 -4.81 11.59 -1.62
CA LEU A 88 -3.74 10.99 -2.40
C LEU A 88 -4.32 9.97 -3.38
N ASP A 89 -3.57 9.73 -4.46
CA ASP A 89 -3.99 8.85 -5.54
C ASP A 89 -3.42 7.43 -5.39
N THR A 90 -3.26 6.96 -4.16
CA THR A 90 -2.81 5.61 -3.90
C THR A 90 -3.76 4.94 -2.92
N ASN A 91 -3.74 3.61 -2.92
CA ASN A 91 -4.63 2.83 -2.06
C ASN A 91 -3.86 1.92 -1.12
N ARG A 92 -2.63 2.27 -0.77
CA ARG A 92 -1.81 1.49 0.14
C ARG A 92 -1.33 2.36 1.29
N GLY A 93 -0.44 1.81 2.11
CA GLY A 93 -0.03 2.50 3.32
C GLY A 93 0.78 3.75 3.04
N GLN A 94 0.62 4.74 3.91
CA GLN A 94 1.34 6.01 3.83
C GLN A 94 2.10 6.21 5.12
N GLU A 95 3.43 6.12 5.05
CA GLU A 95 4.30 6.26 6.21
C GLU A 95 5.24 7.45 6.10
N GLY A 96 5.06 8.31 5.10
CA GLY A 96 6.02 9.36 4.86
C GLY A 96 5.98 10.44 5.90
N THR A 97 7.13 11.10 6.08
CA THR A 97 7.24 12.27 6.95
C THR A 97 7.42 13.50 6.07
N PRO A 98 6.40 14.34 5.90
CA PRO A 98 6.52 15.48 4.99
C PRO A 98 7.55 16.48 5.49
N LEU A 99 8.22 17.13 4.55
CA LEU A 99 9.08 18.27 4.85
C LEU A 99 8.31 19.55 4.58
N ILE A 100 8.64 20.58 5.36
CA ILE A 100 8.02 21.90 5.18
C ILE A 100 9.14 22.92 5.09
N VAL A 101 9.26 23.56 3.92
CA VAL A 101 10.26 24.59 3.69
C VAL A 101 9.50 25.89 3.41
N ASN A 102 9.63 26.84 4.32
CA ASN A 102 9.10 28.21 4.24
C ASN A 102 7.73 28.29 3.56
N GLY A 103 6.85 27.35 3.86
CA GLY A 103 5.48 27.40 3.41
C GLY A 103 5.08 26.38 2.36
N VAL A 104 5.98 25.51 1.94
CA VAL A 104 5.69 24.49 0.95
C VAL A 104 5.96 23.12 1.57
N MET A 105 4.99 22.22 1.45
CA MET A 105 5.09 20.88 2.03
C MET A 105 5.38 19.87 0.93
N TYR A 106 6.52 19.20 1.05
CA TYR A 106 6.90 18.12 0.14
C TYR A 106 6.63 16.80 0.86
N ALA A 107 5.64 16.06 0.36
CA ALA A 107 5.23 14.80 0.97
C ALA A 107 5.36 13.68 -0.04
N THR A 108 6.06 12.62 0.36
CA THR A 108 6.18 11.43 -0.47
C THR A 108 5.11 10.42 -0.07
N THR A 109 4.53 9.77 -1.07
CA THR A 109 3.39 8.88 -0.87
C THR A 109 3.78 7.46 -1.31
N ASN A 110 2.78 6.58 -1.32
CA ASN A 110 2.98 5.21 -1.78
C ASN A 110 3.36 5.21 -3.25
N TRP A 111 4.08 4.15 -3.66
CA TRP A 111 4.66 4.03 -5.00
C TRP A 111 5.68 5.14 -5.28
N SER A 112 6.26 5.71 -4.22
CA SER A 112 7.35 6.67 -4.32
C SER A 112 6.94 7.95 -5.06
N LYS A 113 5.67 8.31 -5.00
CA LYS A 113 5.20 9.54 -5.61
C LYS A 113 5.43 10.71 -4.65
N MET A 114 5.68 11.89 -5.22
CA MET A 114 5.98 13.09 -4.45
C MET A 114 5.00 14.19 -4.83
N LYS A 115 4.46 14.87 -3.82
CA LYS A 115 3.56 16.00 -4.02
C LYS A 115 4.05 17.18 -3.22
N ALA A 116 4.21 18.32 -3.89
CA ALA A 116 4.48 19.59 -3.24
C ALA A 116 3.19 20.38 -3.17
N LEU A 117 2.73 20.65 -1.95
CA LEU A 117 1.48 21.33 -1.69
C LEU A 117 1.75 22.63 -0.94
N ASP A 118 0.74 23.50 -0.93
CA ASP A 118 0.79 24.70 -0.11
C ASP A 118 0.57 24.32 1.34
N ALA A 119 1.55 24.59 2.20
CA ALA A 119 1.48 24.14 3.58
C ALA A 119 0.39 24.85 4.38
N ALA A 120 -0.14 25.96 3.89
CA ALA A 120 -1.18 26.71 4.60
C ALA A 120 -2.60 26.35 4.14
N THR A 121 -2.79 26.13 2.84
CA THR A 121 -4.10 25.84 2.30
C THR A 121 -4.24 24.43 1.71
N GLY A 122 -3.14 23.70 1.57
CA GLY A 122 -3.20 22.35 1.04
C GLY A 122 -3.59 22.25 -0.42
N LYS A 123 -3.13 23.18 -1.25
CA LYS A 123 -3.36 23.13 -2.69
C LYS A 123 -2.10 22.60 -3.36
N LEU A 124 -2.28 21.70 -4.32
CA LEU A 124 -1.16 21.02 -4.96
C LEU A 124 -0.37 22.01 -5.80
N LEU A 125 0.83 22.36 -5.35
CA LEU A 125 1.71 23.20 -6.15
C LEU A 125 2.24 22.43 -7.36
N TRP A 126 2.73 21.22 -7.13
CA TRP A 126 3.11 20.34 -8.24
C TRP A 126 3.21 18.91 -7.74
N SER A 127 3.39 17.99 -8.68
CA SER A 127 3.51 16.58 -8.36
C SER A 127 4.49 15.92 -9.31
N TYR A 128 5.10 14.83 -8.86
CA TYR A 128 6.05 14.07 -9.66
C TYR A 128 5.95 12.61 -9.27
N ASP A 129 5.93 11.73 -10.28
CA ASP A 129 5.94 10.30 -10.02
C ASP A 129 7.05 9.67 -10.85
N PRO A 130 7.90 8.83 -10.23
CA PRO A 130 9.01 8.23 -10.98
C PRO A 130 8.62 7.03 -11.83
N LYS A 131 7.35 6.63 -11.81
CA LYS A 131 6.86 5.49 -12.59
C LYS A 131 7.64 4.22 -12.21
N VAL A 132 7.49 3.82 -10.95
CA VAL A 132 8.17 2.61 -10.48
C VAL A 132 7.61 1.40 -11.21
N PRO A 133 8.46 0.57 -11.82
CA PRO A 133 7.94 -0.61 -12.52
C PRO A 133 7.19 -1.53 -11.59
N GLY A 134 6.11 -2.13 -12.10
CA GLY A 134 5.26 -2.98 -11.28
C GLY A 134 5.77 -4.38 -11.08
N ASN A 135 6.82 -4.80 -11.80
CA ASN A 135 7.32 -6.16 -11.73
C ASN A 135 8.29 -6.39 -10.57
N ILE A 136 8.65 -5.35 -9.83
CA ILE A 136 9.52 -5.49 -8.68
C ILE A 136 8.78 -5.31 -7.36
N ALA A 137 7.45 -5.17 -7.41
CA ALA A 137 6.68 -4.91 -6.20
C ALA A 137 6.79 -6.06 -5.20
N ASP A 138 6.99 -7.28 -5.68
CA ASP A 138 7.12 -8.42 -4.79
C ASP A 138 8.54 -8.61 -4.28
N ARG A 139 9.48 -7.76 -4.70
CA ARG A 139 10.83 -7.80 -4.18
C ARG A 139 11.01 -6.95 -2.93
N GLY A 140 9.96 -6.24 -2.51
CA GLY A 140 9.99 -5.49 -1.27
C GLY A 140 9.26 -6.26 -0.18
N CYS A 141 9.80 -6.20 1.03
CA CYS A 141 9.25 -6.97 2.14
C CYS A 141 7.81 -6.55 2.44
N CYS A 142 7.55 -5.26 2.49
CA CYS A 142 6.40 -4.75 3.24
C CYS A 142 5.90 -3.48 2.55
N ASP A 143 4.94 -3.65 1.63
CA ASP A 143 4.27 -2.55 0.94
C ASP A 143 5.23 -1.71 0.10
N THR A 144 4.68 -0.93 -0.82
CA THR A 144 5.49 -0.03 -1.66
C THR A 144 5.48 1.38 -1.06
N VAL A 145 6.04 1.49 0.14
CA VAL A 145 5.94 2.72 0.92
C VAL A 145 7.16 3.60 0.65
N SER A 146 7.00 4.88 0.96
CA SER A 146 8.10 5.85 0.93
C SER A 146 8.03 6.66 2.23
N ARG A 147 9.10 6.58 3.02
CA ARG A 147 9.06 7.10 4.38
C ARG A 147 9.43 8.57 4.50
N GLY A 148 10.01 9.18 3.47
CA GLY A 148 10.33 10.59 3.57
C GLY A 148 11.25 11.02 2.44
N ALA A 149 11.69 12.28 2.55
CA ALA A 149 12.58 12.89 1.57
C ALA A 149 13.59 13.78 2.30
N ALA A 150 14.41 14.47 1.53
CA ALA A 150 15.41 15.37 2.08
C ALA A 150 15.42 16.66 1.26
N TYR A 151 15.87 17.74 1.90
CA TYR A 151 15.94 19.05 1.25
C TYR A 151 17.35 19.60 1.34
N TRP A 152 17.81 20.23 0.26
CA TRP A 152 19.14 20.81 0.24
C TRP A 152 19.26 21.78 -0.93
N ASN A 153 19.64 23.02 -0.63
CA ASN A 153 20.00 24.02 -1.64
C ASN A 153 18.94 24.15 -2.73
N GLY A 154 17.69 24.27 -2.31
CA GLY A 154 16.61 24.44 -3.26
C GLY A 154 16.25 23.21 -4.05
N LYS A 155 16.59 22.02 -3.56
CA LYS A 155 16.24 20.78 -4.23
C LYS A 155 15.71 19.78 -3.21
N VAL A 156 14.87 18.88 -3.69
CA VAL A 156 14.27 17.82 -2.87
C VAL A 156 14.71 16.48 -3.43
N TYR A 157 15.22 15.62 -2.56
CA TYR A 157 15.79 14.33 -2.92
C TYR A 157 14.98 13.22 -2.30
N PHE A 158 14.69 12.17 -3.08
CA PHE A 158 13.96 11.04 -2.53
C PHE A 158 14.32 9.78 -3.30
N GLY A 159 14.12 8.64 -2.64
CA GLY A 159 14.40 7.35 -3.23
C GLY A 159 13.12 6.67 -3.72
N THR A 160 13.23 5.99 -4.85
CA THR A 160 12.11 5.26 -5.43
C THR A 160 12.19 3.79 -5.03
N PHE A 161 11.02 3.13 -5.07
CA PHE A 161 10.93 1.76 -4.58
C PHE A 161 11.80 0.81 -5.39
N ASP A 162 12.04 1.11 -6.66
CA ASP A 162 12.85 0.23 -7.50
C ASP A 162 14.34 0.44 -7.30
N GLY A 163 14.76 1.43 -6.52
CA GLY A 163 16.16 1.63 -6.22
C GLY A 163 16.79 2.81 -6.93
N ARG A 164 16.06 3.91 -7.05
CA ARG A 164 16.54 5.11 -7.71
C ARG A 164 16.54 6.27 -6.74
N LEU A 165 17.59 7.09 -6.79
CA LEU A 165 17.65 8.34 -6.05
C LEU A 165 17.44 9.49 -7.03
N ILE A 166 16.46 10.33 -6.74
CA ILE A 166 16.00 11.36 -7.66
C ILE A 166 16.03 12.72 -6.96
N ALA A 167 16.58 13.72 -7.63
CA ALA A 167 16.60 15.09 -7.16
C ALA A 167 15.71 15.94 -8.06
N LEU A 168 14.86 16.75 -7.46
CA LEU A 168 13.95 17.64 -8.17
C LEU A 168 14.14 19.06 -7.69
N ASP A 169 13.85 20.02 -8.56
CA ASP A 169 13.84 21.42 -8.17
C ASP A 169 12.71 21.64 -7.17
N ALA A 170 13.04 22.30 -6.05
CA ALA A 170 12.05 22.48 -4.99
C ALA A 170 10.91 23.39 -5.42
N LYS A 171 11.14 24.27 -6.39
CA LYS A 171 10.12 25.22 -6.82
C LYS A 171 9.35 24.71 -8.03
N THR A 172 10.03 24.45 -9.14
CA THR A 172 9.35 24.03 -10.36
C THR A 172 8.95 22.56 -10.32
N GLY A 173 9.75 21.72 -9.66
CA GLY A 173 9.48 20.30 -9.65
C GLY A 173 10.07 19.52 -10.80
N LYS A 174 10.98 20.12 -11.56
CA LYS A 174 11.61 19.43 -12.69
C LYS A 174 12.76 18.56 -12.19
N LEU A 175 13.04 17.50 -12.97
CA LEU A 175 14.10 16.57 -12.60
C LEU A 175 15.46 17.23 -12.78
N VAL A 176 16.31 17.10 -11.75
CA VAL A 176 17.67 17.61 -11.82
C VAL A 176 18.61 16.47 -12.20
N TRP A 177 18.58 15.40 -11.41
CA TRP A 177 19.34 14.20 -11.74
C TRP A 177 18.66 12.98 -11.11
N SER A 178 19.00 11.81 -11.65
CA SER A 178 18.47 10.55 -11.16
C SER A 178 19.55 9.49 -11.32
N VAL A 179 19.78 8.71 -10.27
CA VAL A 179 20.83 7.69 -10.28
C VAL A 179 20.25 6.38 -9.77
N TYR A 180 20.89 5.28 -10.19
CA TYR A 180 20.57 3.95 -9.70
C TYR A 180 21.55 3.63 -8.57
N THR A 181 21.01 3.37 -7.38
CA THR A 181 21.84 3.22 -6.19
C THR A 181 22.44 1.83 -6.03
N ILE A 182 21.99 0.84 -6.79
CA ILE A 182 22.45 -0.53 -6.67
C ILE A 182 23.54 -0.76 -7.71
N PRO A 183 24.78 -1.06 -7.31
CA PRO A 183 25.83 -1.29 -8.30
C PRO A 183 25.60 -2.60 -9.06
N LYS A 184 25.78 -2.54 -10.38
CA LYS A 184 25.65 -3.74 -11.20
C LYS A 184 26.75 -4.74 -10.87
N GLU A 185 27.96 -4.24 -10.59
CA GLU A 185 29.06 -5.09 -10.16
C GLU A 185 28.96 -5.35 -8.66
N ALA A 186 30.05 -5.85 -8.07
CA ALA A 186 30.12 -6.23 -6.66
C ALA A 186 29.30 -7.49 -6.42
N GLN A 187 29.42 -8.08 -5.24
CA GLN A 187 28.85 -9.42 -5.02
C GLN A 187 27.36 -9.35 -4.76
N LEU A 188 26.97 -8.74 -3.65
CA LEU A 188 25.56 -8.52 -3.30
C LEU A 188 24.78 -9.82 -3.15
N GLY A 189 25.45 -10.97 -3.26
CA GLY A 189 24.80 -12.25 -3.16
C GLY A 189 24.15 -12.66 -4.48
N HIS A 190 23.73 -13.93 -4.53
CA HIS A 190 23.04 -14.43 -5.72
C HIS A 190 21.65 -13.82 -5.85
N GLN A 191 20.90 -13.78 -4.75
CA GLN A 191 19.61 -13.11 -4.72
C GLN A 191 19.82 -11.65 -4.34
N ARG A 192 19.40 -10.74 -5.20
CA ARG A 192 19.57 -9.30 -4.99
C ARG A 192 18.19 -8.67 -5.04
N SER A 193 17.50 -8.65 -3.90
CA SER A 193 16.17 -8.07 -3.77
C SER A 193 16.33 -6.73 -3.07
N TYR A 194 16.54 -5.69 -3.87
CA TYR A 194 16.83 -4.36 -3.35
C TYR A 194 15.67 -3.42 -3.63
N THR A 195 15.18 -2.77 -2.58
CA THR A 195 14.17 -1.73 -2.67
C THR A 195 14.55 -0.60 -1.75
N VAL A 196 14.11 0.61 -2.11
CA VAL A 196 14.39 1.80 -1.32
C VAL A 196 13.06 2.39 -0.84
N ASP A 197 12.91 2.49 0.48
CA ASP A 197 11.73 3.08 1.07
C ASP A 197 12.03 4.05 2.20
N GLY A 198 13.27 4.12 2.68
CA GLY A 198 13.61 5.03 3.74
C GLY A 198 13.81 6.45 3.26
N ALA A 199 13.99 7.35 4.23
CA ALA A 199 14.18 8.76 3.93
C ALA A 199 15.66 9.08 3.84
N PRO A 200 16.16 9.64 2.74
CA PRO A 200 17.57 10.01 2.66
C PRO A 200 17.90 11.16 3.60
N ARG A 201 19.15 11.18 4.05
CA ARG A 201 19.67 12.27 4.85
C ARG A 201 20.90 12.85 4.16
N ILE A 202 21.08 14.17 4.28
CA ILE A 202 22.14 14.88 3.58
C ILE A 202 23.08 15.47 4.62
N ALA A 203 24.37 15.15 4.50
CA ALA A 203 25.38 15.61 5.43
C ALA A 203 26.51 16.27 4.65
N LYS A 204 26.70 17.56 4.86
CA LYS A 204 27.76 18.34 4.20
C LYS A 204 27.66 18.22 2.68
N GLY A 205 26.44 18.27 2.16
CA GLY A 205 26.22 18.18 0.74
C GLY A 205 26.39 16.79 0.16
N LYS A 206 26.07 15.75 0.94
CA LYS A 206 26.17 14.38 0.48
C LYS A 206 24.90 13.65 0.88
N VAL A 207 24.16 13.18 -0.12
CA VAL A 207 22.92 12.45 0.13
C VAL A 207 23.27 11.01 0.47
N LEU A 208 22.90 10.59 1.67
CA LEU A 208 23.17 9.23 2.15
C LEU A 208 21.88 8.42 2.04
N ILE A 209 21.97 7.24 1.44
CA ILE A 209 20.79 6.40 1.26
C ILE A 209 21.20 4.93 1.39
N GLY A 210 20.32 4.16 2.02
CA GLY A 210 20.49 2.71 2.09
C GLY A 210 19.45 1.99 1.28
N ASN A 211 19.10 0.77 1.69
CA ASN A 211 18.10 -0.02 1.00
C ASN A 211 17.61 -1.12 1.93
N GLY A 212 16.73 -1.97 1.42
CA GLY A 212 16.22 -3.09 2.18
C GLY A 212 16.07 -4.32 1.31
N GLY A 213 15.74 -5.43 1.96
CA GLY A 213 15.52 -6.67 1.24
C GLY A 213 16.20 -7.88 1.83
N ALA A 214 16.74 -7.76 3.04
CA ALA A 214 17.32 -8.91 3.71
C ALA A 214 16.27 -9.96 4.07
N GLU A 215 14.98 -9.57 4.08
CA GLU A 215 13.93 -10.55 4.26
C GLU A 215 13.88 -11.55 3.10
N PHE A 216 14.28 -11.12 1.91
CA PHE A 216 14.42 -12.00 0.76
C PHE A 216 15.84 -12.48 0.54
N GLY A 217 16.84 -11.73 1.02
CA GLY A 217 18.23 -12.03 0.75
C GLY A 217 18.91 -10.93 -0.02
N ALA A 218 19.78 -10.17 0.65
CA ALA A 218 20.47 -9.06 0.03
C ALA A 218 21.70 -8.72 0.86
N ARG A 219 22.60 -7.95 0.26
CA ARG A 219 23.79 -7.46 0.95
C ARG A 219 23.57 -5.98 1.28
N GLY A 220 23.61 -5.65 2.57
CA GLY A 220 23.32 -4.29 2.99
C GLY A 220 24.51 -3.35 2.77
N PHE A 221 24.19 -2.12 2.36
CA PHE A 221 25.19 -1.08 2.19
C PHE A 221 24.51 0.27 2.23
N VAL A 222 25.31 1.31 2.43
CA VAL A 222 24.86 2.69 2.42
C VAL A 222 25.75 3.48 1.48
N SER A 223 25.14 4.23 0.56
CA SER A 223 25.86 4.97 -0.45
C SER A 223 25.63 6.46 -0.26
N ALA A 224 26.70 7.24 -0.43
CA ALA A 224 26.66 8.70 -0.38
C ALA A 224 26.96 9.23 -1.78
N PHE A 225 26.00 9.99 -2.31
CA PHE A 225 26.10 10.64 -3.61
C PHE A 225 26.22 12.14 -3.43
N ASP A 226 26.76 12.81 -4.46
CA ASP A 226 26.88 14.25 -4.42
C ASP A 226 25.51 14.90 -4.56
N ALA A 227 25.21 15.87 -3.70
CA ALA A 227 23.91 16.51 -3.70
C ALA A 227 23.70 17.44 -4.88
N GLU A 228 24.77 17.85 -5.56
CA GLU A 228 24.69 18.79 -6.66
C GLU A 228 24.67 18.10 -8.03
N THR A 229 25.55 17.13 -8.24
CA THR A 229 25.68 16.47 -9.54
C THR A 229 25.20 15.03 -9.54
N GLY A 230 25.00 14.42 -8.37
CA GLY A 230 24.55 13.05 -8.30
C GLY A 230 25.65 12.01 -8.40
N LYS A 231 26.90 12.43 -8.53
CA LYS A 231 28.00 11.47 -8.61
C LYS A 231 28.16 10.74 -7.29
N LEU A 232 28.52 9.46 -7.37
CA LEU A 232 28.69 8.65 -6.17
C LEU A 232 29.93 9.09 -5.43
N ASP A 233 29.76 9.56 -4.19
CA ASP A 233 30.90 10.00 -3.40
C ASP A 233 31.59 8.81 -2.73
N TRP A 234 30.83 7.98 -2.02
CA TRP A 234 31.43 6.79 -1.44
C TRP A 234 30.35 5.76 -1.13
N ARG A 235 30.79 4.58 -0.70
CA ARG A 235 29.90 3.50 -0.32
C ARG A 235 30.48 2.77 0.88
N PHE A 236 29.60 2.21 1.70
CA PHE A 236 29.99 1.46 2.90
C PHE A 236 29.15 0.19 2.97
N PHE A 237 29.80 -0.96 2.87
CA PHE A 237 29.11 -2.24 2.97
C PHE A 237 29.07 -2.70 4.42
N THR A 238 27.88 -3.07 4.89
CA THR A 238 27.68 -3.45 6.27
C THR A 238 28.02 -4.91 6.55
N VAL A 239 28.30 -5.71 5.52
CA VAL A 239 28.69 -7.10 5.72
C VAL A 239 29.80 -7.45 4.74
N PRO A 240 30.71 -8.33 5.16
CA PRO A 240 31.83 -8.68 4.28
C PRO A 240 31.37 -9.45 3.05
N ASN A 241 32.14 -9.30 1.98
CA ASN A 241 31.86 -10.06 0.76
C ASN A 241 32.26 -11.52 0.93
N PRO A 242 31.66 -12.42 0.15
CA PRO A 242 31.80 -13.86 0.44
C PRO A 242 33.22 -14.37 0.47
N GLU A 243 34.13 -13.84 -0.35
CA GLU A 243 35.48 -14.37 -0.47
C GLU A 243 36.52 -13.48 0.20
N ASN A 244 36.12 -12.54 1.04
CA ASN A 244 37.03 -11.61 1.72
C ASN A 244 37.92 -10.88 0.71
N LYS A 245 37.32 -10.44 -0.39
CA LYS A 245 38.02 -9.69 -1.42
C LYS A 245 37.58 -8.23 -1.40
N PRO A 246 38.46 -7.31 -1.80
CA PRO A 246 38.09 -5.89 -1.80
C PRO A 246 36.92 -5.61 -2.72
N ASP A 247 36.01 -4.75 -2.25
CA ASP A 247 34.89 -4.27 -3.06
C ASP A 247 35.16 -2.93 -3.70
N GLY A 248 36.30 -2.31 -3.41
CA GLY A 248 36.59 -0.97 -3.88
C GLY A 248 35.86 0.12 -3.14
N ALA A 249 35.22 -0.19 -2.01
CA ALA A 249 34.44 0.76 -1.24
C ALA A 249 35.25 1.27 -0.05
N ALA A 250 34.61 2.11 0.76
CA ALA A 250 35.27 2.71 1.92
C ALA A 250 35.25 1.79 3.14
N SER A 251 34.58 0.65 3.07
CA SER A 251 34.50 -0.29 4.18
C SER A 251 35.46 -1.46 4.03
N ASP A 252 36.39 -1.39 3.08
CA ASP A 252 37.22 -2.55 2.76
C ASP A 252 38.07 -2.98 3.94
N ASP A 253 38.77 -2.02 4.57
CA ASP A 253 39.72 -2.39 5.62
C ASP A 253 39.02 -3.03 6.82
N ILE A 254 37.94 -2.40 7.29
CA ILE A 254 37.26 -2.92 8.47
C ILE A 254 36.56 -4.23 8.17
N LEU A 255 36.08 -4.42 6.94
CA LEU A 255 35.41 -5.68 6.61
C LEU A 255 36.41 -6.82 6.48
N MET A 256 37.54 -6.59 5.81
CA MET A 256 38.52 -7.64 5.63
C MET A 256 39.38 -7.89 6.87
N SER A 257 39.41 -6.96 7.82
CA SER A 257 40.23 -7.14 9.01
C SER A 257 39.44 -7.50 10.25
N LYS A 258 38.20 -7.02 10.38
CA LYS A 258 37.44 -7.19 11.60
C LYS A 258 36.15 -7.98 11.42
N ALA A 259 35.36 -7.67 10.39
CA ALA A 259 34.04 -8.25 10.25
C ALA A 259 34.06 -9.66 9.65
N TYR A 260 34.98 -9.92 8.71
CA TYR A 260 35.02 -11.22 8.05
C TYR A 260 35.25 -12.39 9.01
N PRO A 261 36.21 -12.34 9.94
CA PRO A 261 36.43 -13.51 10.82
C PRO A 261 35.24 -13.85 11.70
N THR A 262 34.26 -12.97 11.83
CA THR A 262 33.09 -13.22 12.67
C THR A 262 31.95 -13.89 11.90
N TRP A 263 32.17 -14.27 10.65
CA TRP A 263 31.12 -14.81 9.78
C TRP A 263 31.46 -16.27 9.45
N GLY A 264 31.14 -17.17 10.37
CA GLY A 264 31.25 -18.60 10.16
C GLY A 264 32.51 -19.05 9.45
N LYS A 265 32.40 -20.12 8.68
CA LYS A 265 33.41 -20.49 7.69
C LYS A 265 32.81 -20.76 6.32
N ASN A 266 31.61 -21.35 6.27
CA ASN A 266 30.88 -21.51 5.03
C ASN A 266 29.40 -21.71 5.37
N GLY A 267 28.54 -20.87 4.81
CA GLY A 267 27.13 -20.95 5.11
C GLY A 267 26.30 -20.32 4.02
N ALA A 268 25.01 -20.13 4.31
CA ALA A 268 24.09 -19.53 3.36
C ALA A 268 24.30 -18.03 3.20
N TRP A 269 25.14 -17.41 4.03
CA TRP A 269 25.38 -15.98 3.89
C TRP A 269 26.20 -15.66 2.64
N LYS A 270 26.99 -16.63 2.17
CA LYS A 270 27.77 -16.39 0.96
C LYS A 270 26.88 -16.31 -0.28
N GLN A 271 25.76 -17.04 -0.29
CA GLN A 271 24.87 -17.04 -1.43
C GLN A 271 23.73 -16.03 -1.29
N GLN A 272 23.15 -15.92 -0.09
CA GLN A 272 22.03 -15.00 0.09
C GLN A 272 22.49 -13.56 0.16
N GLY A 273 23.65 -13.31 0.77
CA GLY A 273 24.16 -11.96 0.88
C GLY A 273 24.59 -11.60 2.28
N GLY A 274 23.93 -12.16 3.28
CA GLY A 274 24.24 -11.91 4.67
C GLY A 274 23.33 -10.93 5.36
N GLY A 275 22.60 -10.12 4.61
CA GLY A 275 21.67 -9.18 5.20
C GLY A 275 22.31 -7.87 5.62
N GLY A 276 21.89 -7.34 6.76
CA GLY A 276 22.41 -6.09 7.26
C GLY A 276 22.04 -4.87 6.44
N THR A 277 20.82 -4.83 5.93
CA THR A 277 20.35 -3.69 5.17
C THR A 277 20.04 -2.52 6.10
N VAL A 278 20.32 -1.31 5.61
CA VAL A 278 20.05 -0.08 6.35
C VAL A 278 18.89 0.61 5.64
N TRP A 279 17.68 0.48 6.18
CA TRP A 279 16.50 0.99 5.51
C TRP A 279 15.70 2.01 6.30
N ASP A 280 16.01 2.23 7.58
CA ASP A 280 15.24 3.18 8.37
C ASP A 280 16.09 4.33 8.91
N SER A 281 17.18 4.04 9.61
CA SER A 281 17.90 5.05 10.37
C SER A 281 19.20 5.44 9.66
N LEU A 282 19.40 6.74 9.48
CA LEU A 282 20.61 7.29 8.88
C LEU A 282 20.81 8.67 9.49
N VAL A 283 21.64 8.75 10.53
CA VAL A 283 21.75 9.96 11.33
C VAL A 283 23.08 10.65 11.03
N TYR A 284 23.05 11.97 10.97
CA TYR A 284 24.26 12.78 10.90
C TYR A 284 24.37 13.62 12.15
N ASP A 285 25.51 13.54 12.82
CA ASP A 285 25.76 14.34 14.02
C ASP A 285 26.85 15.36 13.73
N PRO A 286 26.50 16.64 13.59
CA PRO A 286 27.55 17.67 13.42
C PRO A 286 28.31 17.97 14.68
N VAL A 287 27.75 17.66 15.86
CA VAL A 287 28.46 17.89 17.10
C VAL A 287 29.69 16.99 17.18
N THR A 288 29.52 15.71 16.90
CA THR A 288 30.63 14.77 16.81
C THR A 288 31.13 14.57 15.38
N ASP A 289 30.41 15.12 14.39
CA ASP A 289 30.78 15.02 12.98
C ASP A 289 30.91 13.56 12.56
N LEU A 290 29.81 12.82 12.71
CA LEU A 290 29.79 11.40 12.42
C LEU A 290 28.50 11.03 11.72
N VAL A 291 28.48 9.85 11.10
CA VAL A 291 27.29 9.31 10.47
C VAL A 291 26.98 7.97 11.13
N TYR A 292 25.79 7.86 11.72
CA TYR A 292 25.35 6.65 12.39
C TYR A 292 24.41 5.87 11.49
N LEU A 293 24.71 4.60 11.30
CA LEU A 293 23.93 3.67 10.50
C LEU A 293 23.35 2.61 11.41
N GLY A 294 22.05 2.41 11.34
CA GLY A 294 21.41 1.29 12.01
C GLY A 294 21.34 0.09 11.09
N VAL A 295 22.10 -0.94 11.38
CA VAL A 295 22.22 -2.11 10.51
C VAL A 295 21.12 -3.09 10.85
N GLY A 296 20.52 -3.68 9.81
CA GLY A 296 19.38 -4.54 9.97
C GLY A 296 19.75 -5.97 10.34
N ASN A 297 18.78 -6.86 10.15
CA ASN A 297 18.91 -8.25 10.54
C ASN A 297 19.72 -9.03 9.49
N GLY A 298 19.99 -10.29 9.82
CA GLY A 298 20.72 -11.16 8.91
C GLY A 298 19.84 -11.75 7.84
N SER A 299 20.50 -12.44 6.90
CA SER A 299 19.79 -13.09 5.80
C SER A 299 20.47 -14.39 5.44
N PRO A 300 19.84 -15.55 5.68
CA PRO A 300 18.50 -15.73 6.27
C PRO A 300 18.47 -15.47 7.76
N TRP A 301 17.29 -15.39 8.38
CA TRP A 301 17.21 -15.24 9.82
C TRP A 301 17.88 -16.40 10.55
N ASN A 302 17.77 -17.61 9.98
CA ASN A 302 18.31 -18.81 10.60
C ASN A 302 19.82 -18.68 10.81
N TYR A 303 20.24 -18.63 12.07
CA TYR A 303 21.65 -18.46 12.40
C TYR A 303 22.47 -19.66 11.93
N LYS A 304 21.95 -20.87 12.15
CA LYS A 304 22.66 -22.08 11.73
C LYS A 304 22.78 -22.15 10.22
N PHE A 305 21.69 -21.82 9.50
CA PHE A 305 21.75 -21.83 8.05
C PHE A 305 22.70 -20.74 7.55
N ARG A 306 22.65 -19.56 8.15
CA ARG A 306 23.41 -18.42 7.65
C ARG A 306 24.91 -18.60 7.89
N SER A 307 25.30 -18.92 9.13
CA SER A 307 26.70 -18.91 9.51
C SER A 307 27.07 -20.09 10.39
N GLU A 308 26.51 -21.27 10.09
CA GLU A 308 26.79 -22.52 10.81
C GLU A 308 26.49 -22.43 12.29
N GLY A 309 25.80 -21.38 12.75
CA GLY A 309 25.71 -21.14 14.17
C GLY A 309 27.03 -20.81 14.81
N LYS A 310 27.90 -20.11 14.09
CA LYS A 310 29.23 -19.73 14.59
C LYS A 310 29.51 -18.29 14.24
N GLY A 311 30.19 -17.59 15.13
CA GLY A 311 30.62 -16.23 14.88
C GLY A 311 29.61 -15.20 15.33
N ASP A 312 30.10 -13.96 15.48
CA ASP A 312 29.25 -12.86 15.89
C ASP A 312 28.50 -12.21 14.73
N ASN A 313 28.93 -12.46 13.49
CA ASN A 313 28.36 -11.83 12.30
C ASN A 313 28.41 -10.30 12.45
N LEU A 314 29.64 -9.79 12.44
CA LEU A 314 29.87 -8.40 12.82
C LEU A 314 29.16 -7.44 11.88
N PHE A 315 28.83 -6.27 12.42
CA PHE A 315 28.04 -5.25 11.72
C PHE A 315 26.72 -5.83 11.23
N LEU A 316 26.06 -6.59 12.10
CA LEU A 316 24.72 -7.12 11.85
C LEU A 316 23.89 -6.87 13.10
N GLY A 317 22.80 -6.12 12.95
CA GLY A 317 22.02 -5.71 14.10
C GLY A 317 22.83 -4.84 15.03
N SER A 318 23.53 -3.86 14.46
CA SER A 318 24.44 -3.01 15.22
C SER A 318 24.28 -1.57 14.78
N ILE A 319 24.91 -0.67 15.54
CA ILE A 319 25.03 0.73 15.18
C ILE A 319 26.47 0.99 14.78
N VAL A 320 26.67 1.50 13.56
CA VAL A 320 28.01 1.75 13.03
C VAL A 320 28.15 3.23 12.75
N ALA A 321 29.15 3.86 13.37
CA ALA A 321 29.45 5.27 13.13
C ALA A 321 30.68 5.38 12.24
N ILE A 322 30.55 6.16 11.17
CA ILE A 322 31.58 6.31 10.15
C ILE A 322 31.82 7.79 9.91
N ASN A 323 32.91 8.08 9.20
CA ASN A 323 33.28 9.44 8.87
C ASN A 323 32.41 9.96 7.73
N PRO A 324 31.70 11.07 7.90
CA PRO A 324 30.83 11.56 6.81
C PRO A 324 31.57 11.95 5.54
N ASP A 325 32.86 12.26 5.63
CA ASP A 325 33.59 12.71 4.44
C ASP A 325 34.04 11.54 3.58
N THR A 326 34.88 10.67 4.13
CA THR A 326 35.44 9.56 3.38
C THR A 326 34.66 8.26 3.53
N GLY A 327 33.68 8.21 4.43
CA GLY A 327 32.94 6.99 4.64
C GLY A 327 33.68 5.93 5.41
N LYS A 328 34.80 6.28 6.03
CA LYS A 328 35.61 5.30 6.74
C LYS A 328 35.02 4.97 8.10
N TYR A 329 35.19 3.72 8.51
CA TYR A 329 34.66 3.25 9.79
C TYR A 329 35.32 3.99 10.95
N VAL A 330 34.52 4.37 11.93
CA VAL A 330 35.00 5.00 13.16
C VAL A 330 34.79 4.11 14.37
N TRP A 331 33.54 3.71 14.63
CA TRP A 331 33.30 2.75 15.71
C TRP A 331 31.99 2.01 15.45
N HIS A 332 31.72 1.03 16.30
CA HIS A 332 30.51 0.23 16.18
C HIS A 332 30.11 -0.32 17.55
N PHE A 333 28.84 -0.67 17.66
CA PHE A 333 28.31 -1.35 18.84
C PHE A 333 27.25 -2.34 18.40
N GLN A 334 27.47 -3.62 18.68
CA GLN A 334 26.55 -4.68 18.27
C GLN A 334 25.52 -4.90 19.37
N GLU A 335 24.28 -4.51 19.12
CA GLU A 335 23.22 -4.69 20.10
C GLU A 335 22.73 -6.13 20.15
N THR A 336 22.67 -6.80 19.00
CA THR A 336 22.13 -8.15 18.90
C THR A 336 23.11 -9.05 18.16
N PRO A 337 24.12 -9.58 18.85
CA PRO A 337 24.99 -10.58 18.23
C PRO A 337 24.23 -11.85 17.89
N MET A 338 24.68 -12.52 16.83
CA MET A 338 24.09 -13.77 16.34
C MET A 338 22.56 -13.66 16.23
N ASP A 339 22.11 -12.60 15.57
CA ASP A 339 20.69 -12.34 15.48
C ASP A 339 19.98 -13.45 14.70
N GLU A 340 18.87 -13.94 15.26
CA GLU A 340 18.07 -14.95 14.59
C GLU A 340 16.57 -14.71 14.74
N TRP A 341 16.16 -13.60 15.35
CA TRP A 341 14.74 -13.30 15.57
C TRP A 341 14.28 -12.10 14.76
N ASP A 342 15.06 -11.67 13.76
CA ASP A 342 14.81 -10.43 13.03
C ASP A 342 14.76 -9.25 13.99
N TYR A 343 15.86 -9.08 14.73
CA TYR A 343 16.01 -7.98 15.69
C TYR A 343 16.96 -6.96 15.05
N THR A 344 16.39 -6.07 14.25
CA THR A 344 17.19 -5.05 13.58
C THR A 344 17.52 -3.90 14.51
N SER A 345 18.73 -3.36 14.34
CA SER A 345 19.11 -2.11 14.97
C SER A 345 18.83 -0.91 14.07
N VAL A 346 17.92 -1.07 13.11
CA VAL A 346 17.61 -0.01 12.14
C VAL A 346 16.66 1.03 12.70
N GLN A 347 16.14 0.85 13.91
CA GLN A 347 15.17 1.78 14.47
C GLN A 347 15.80 3.15 14.68
N GLN A 348 14.95 4.12 15.01
CA GLN A 348 15.38 5.51 15.10
C GLN A 348 16.48 5.69 16.12
N ILE A 349 17.55 6.37 15.72
CA ILE A 349 18.67 6.71 16.58
C ILE A 349 18.55 8.19 16.92
N MET A 350 18.62 8.53 18.20
CA MET A 350 18.46 9.91 18.62
C MET A 350 19.66 10.34 19.45
N THR A 351 19.99 11.62 19.39
CA THR A 351 21.12 12.16 20.13
C THR A 351 20.61 13.18 21.14
N LEU A 352 21.04 13.04 22.40
CA LEU A 352 20.66 13.95 23.48
C LEU A 352 21.91 14.35 24.26
N ASP A 353 21.71 15.21 25.24
CA ASP A 353 22.72 15.57 26.23
C ASP A 353 22.18 15.21 27.60
N MET A 354 22.88 14.34 28.32
CA MET A 354 22.40 13.84 29.59
C MET A 354 23.49 13.95 30.65
N PRO A 355 23.10 14.13 31.91
CA PRO A 355 24.10 14.12 33.00
C PRO A 355 24.53 12.71 33.40
N VAL A 356 25.45 12.14 32.63
CA VAL A 356 25.98 10.81 32.92
C VAL A 356 27.07 10.94 33.97
N ASN A 357 26.94 10.16 35.04
CA ASN A 357 27.88 10.19 36.17
C ASN A 357 28.02 11.60 36.73
N GLY A 358 26.90 12.31 36.83
CA GLY A 358 26.93 13.68 37.32
C GLY A 358 27.71 14.64 36.44
N GLU A 359 27.74 14.39 35.14
CA GLU A 359 28.47 15.23 34.20
C GLU A 359 27.77 15.19 32.86
N MET A 360 27.63 16.35 32.23
CA MET A 360 26.94 16.44 30.95
C MET A 360 27.72 15.69 29.88
N ARG A 361 26.99 14.96 29.03
CA ARG A 361 27.61 14.12 28.01
C ARG A 361 26.65 13.98 26.84
N HIS A 362 27.20 14.05 25.63
CA HIS A 362 26.44 13.87 24.41
C HIS A 362 26.31 12.38 24.12
N VAL A 363 25.07 11.86 24.20
CA VAL A 363 24.83 10.42 24.14
C VAL A 363 23.84 10.10 23.03
N ILE A 364 23.83 8.83 22.65
CA ILE A 364 22.91 8.27 21.67
C ILE A 364 21.94 7.36 22.39
N VAL A 365 20.64 7.59 22.16
CA VAL A 365 19.58 6.74 22.67
C VAL A 365 18.96 5.98 21.52
N HIS A 366 18.69 4.69 21.76
CA HIS A 366 18.18 3.78 20.75
C HIS A 366 17.13 2.87 21.36
N ALA A 367 16.08 2.57 20.60
CA ALA A 367 15.03 1.63 21.01
C ALA A 367 14.78 0.66 19.87
N PRO A 368 15.68 -0.31 19.67
CA PRO A 368 15.53 -1.24 18.54
C PRO A 368 14.43 -2.28 18.74
N LYS A 369 14.34 -3.22 17.81
CA LYS A 369 13.27 -4.22 17.82
C LYS A 369 13.38 -5.18 19.00
N ASN A 370 14.59 -5.43 19.49
CA ASN A 370 14.79 -6.47 20.49
C ASN A 370 14.13 -6.16 21.83
N GLY A 371 13.69 -4.93 22.04
CA GLY A 371 13.01 -4.56 23.27
C GLY A 371 13.85 -3.89 24.32
N PHE A 372 15.08 -3.53 24.02
CA PHE A 372 15.98 -2.89 24.96
C PHE A 372 16.17 -1.42 24.58
N PHE A 373 16.11 -0.54 25.58
CA PHE A 373 16.50 0.85 25.42
C PHE A 373 18.00 0.95 25.74
N TYR A 374 18.76 1.49 24.79
CA TYR A 374 20.20 1.59 24.88
C TYR A 374 20.60 3.06 24.96
N ILE A 375 21.50 3.38 25.90
CA ILE A 375 22.19 4.65 25.95
C ILE A 375 23.67 4.35 25.77
N ILE A 376 24.28 4.94 24.73
CA ILE A 376 25.69 4.75 24.43
C ILE A 376 26.33 6.11 24.22
N ASP A 377 27.66 6.12 24.23
CA ASP A 377 28.40 7.36 24.01
C ASP A 377 28.42 7.68 22.52
N ALA A 378 28.06 8.91 22.18
CA ALA A 378 27.99 9.30 20.77
C ALA A 378 29.37 9.43 20.15
N LYS A 379 30.36 9.88 20.93
CA LYS A 379 31.69 10.13 20.38
C LYS A 379 32.47 8.84 20.17
N THR A 380 32.70 8.07 21.24
CA THR A 380 33.53 6.88 21.18
C THR A 380 32.73 5.60 20.96
N GLY A 381 31.40 5.65 21.04
CA GLY A 381 30.61 4.45 20.91
C GLY A 381 30.59 3.55 22.12
N LYS A 382 31.12 4.01 23.25
CA LYS A 382 31.18 3.18 24.44
C LYS A 382 29.78 2.92 24.98
N PHE A 383 29.53 1.67 25.36
CA PHE A 383 28.25 1.30 25.96
C PHE A 383 28.11 1.92 27.34
N ILE A 384 26.98 2.57 27.59
CA ILE A 384 26.74 3.22 28.87
C ILE A 384 25.74 2.40 29.67
N THR A 385 24.55 2.20 29.13
CA THR A 385 23.53 1.43 29.84
C THR A 385 22.51 0.88 28.85
N GLY A 386 21.76 -0.12 29.31
CA GLY A 386 20.70 -0.71 28.52
C GLY A 386 19.74 -1.52 29.36
N LYS A 387 18.44 -1.26 29.19
CA LYS A 387 17.43 -1.95 29.99
C LYS A 387 16.19 -2.18 29.14
N PRO A 388 15.46 -3.28 29.38
CA PRO A 388 14.27 -3.55 28.56
C PRO A 388 13.16 -2.54 28.84
N TYR A 389 12.69 -1.86 27.79
CA TYR A 389 11.55 -0.97 27.91
C TYR A 389 10.22 -1.69 27.71
N THR A 390 10.24 -2.95 27.32
CA THR A 390 9.05 -3.78 27.20
C THR A 390 9.44 -5.20 27.60
N TYR A 391 8.46 -6.10 27.54
CA TYR A 391 8.73 -7.48 27.91
C TYR A 391 9.55 -8.17 26.83
N GLU A 392 10.61 -8.88 27.26
CA GLU A 392 11.40 -9.70 26.37
C GLU A 392 11.82 -10.95 27.11
N ASN A 393 11.69 -12.11 26.45
CA ASN A 393 12.03 -13.39 27.04
C ASN A 393 13.27 -14.01 26.42
N TRP A 394 13.96 -13.30 25.53
CA TRP A 394 15.12 -13.84 24.85
C TRP A 394 16.44 -13.52 25.55
N ALA A 395 16.40 -12.75 26.63
CA ALA A 395 17.62 -12.40 27.34
C ALA A 395 17.29 -12.00 28.76
N ASN A 396 18.20 -12.33 29.68
CA ASN A 396 18.09 -11.91 31.08
C ASN A 396 18.89 -10.64 31.30
N GLY A 397 18.45 -9.58 30.63
CA GLY A 397 19.17 -8.32 30.67
C GLY A 397 20.42 -8.37 29.81
N LEU A 398 21.27 -7.37 30.02
CA LEU A 398 22.54 -7.26 29.30
C LEU A 398 23.70 -7.43 30.27
N ASP A 399 24.87 -7.71 29.71
CA ASP A 399 26.07 -7.82 30.50
C ASP A 399 26.51 -6.43 30.95
N PRO A 400 26.62 -6.15 32.24
CA PRO A 400 27.02 -4.81 32.68
C PRO A 400 28.42 -4.41 32.24
N VAL A 401 29.27 -5.36 31.88
CA VAL A 401 30.65 -5.05 31.52
C VAL A 401 30.87 -4.91 30.02
N THR A 402 29.97 -5.44 29.20
CA THR A 402 30.16 -5.38 27.74
C THR A 402 28.92 -4.82 27.04
N GLY A 403 27.75 -5.05 27.62
CA GLY A 403 26.50 -4.75 26.96
C GLY A 403 25.98 -5.88 26.09
N ARG A 404 26.70 -6.99 26.00
CA ARG A 404 26.22 -8.13 25.25
C ARG A 404 25.04 -8.77 25.98
N PRO A 405 23.97 -9.15 25.28
CA PRO A 405 22.81 -9.74 25.96
C PRO A 405 23.16 -11.06 26.62
N ASN A 406 22.49 -11.31 27.75
CA ASN A 406 22.60 -12.58 28.46
C ASN A 406 21.51 -13.49 27.91
N TYR A 407 21.83 -14.18 26.80
CA TYR A 407 20.84 -15.02 26.14
C TYR A 407 20.38 -16.14 27.07
N VAL A 408 19.08 -16.42 27.03
CA VAL A 408 18.58 -17.66 27.63
C VAL A 408 18.85 -18.76 26.61
N PRO A 409 19.26 -19.94 27.04
CA PRO A 409 19.63 -20.98 26.06
C PRO A 409 18.51 -21.36 25.12
N ASP A 410 17.25 -21.33 25.58
CA ASP A 410 16.14 -21.71 24.73
C ASP A 410 15.78 -20.66 23.70
N ALA A 411 16.21 -19.40 23.90
CA ALA A 411 15.92 -18.35 22.93
C ALA A 411 16.65 -18.61 21.61
N LEU A 412 17.84 -19.20 21.68
CA LEU A 412 18.56 -19.59 20.46
C LEU A 412 17.89 -20.83 19.88
N TRP A 413 16.67 -20.66 19.36
CA TRP A 413 15.91 -21.78 18.82
C TRP A 413 16.65 -22.46 17.68
N THR A 414 17.45 -21.69 16.94
CA THR A 414 18.17 -22.25 15.80
C THR A 414 19.19 -23.29 16.26
N LEU A 415 19.88 -23.00 17.37
CA LEU A 415 20.85 -23.96 17.91
C LEU A 415 20.17 -25.12 18.61
N THR A 416 19.10 -24.85 19.37
CA THR A 416 18.43 -25.92 20.10
C THR A 416 17.58 -26.79 19.18
N GLY A 417 17.13 -26.26 18.05
CA GLY A 417 16.27 -27.01 17.16
C GLY A 417 14.90 -27.30 17.74
N LYS A 418 14.35 -26.39 18.53
CA LYS A 418 13.04 -26.53 19.13
C LYS A 418 12.25 -25.24 18.94
N PRO A 419 10.93 -25.32 18.83
CA PRO A 419 10.13 -24.11 18.66
C PRO A 419 10.28 -23.16 19.84
N TRP A 420 10.28 -21.86 19.55
CA TRP A 420 10.47 -20.83 20.55
C TRP A 420 9.39 -19.77 20.39
N LEU A 421 8.67 -19.48 21.46
CA LEU A 421 7.67 -18.42 21.45
C LEU A 421 8.37 -17.12 21.84
N GLY A 422 8.80 -16.36 20.84
CA GLY A 422 9.59 -15.17 21.07
C GLY A 422 8.74 -13.92 21.20
N ILE A 423 8.99 -13.17 22.28
CA ILE A 423 8.47 -11.83 22.49
C ILE A 423 9.68 -10.93 22.73
N PRO A 424 9.89 -9.88 21.91
CA PRO A 424 9.07 -9.44 20.78
C PRO A 424 9.21 -10.35 19.56
N GLY A 425 8.23 -10.36 18.69
CA GLY A 425 8.27 -11.16 17.49
C GLY A 425 9.11 -10.50 16.41
N GLU A 426 8.89 -10.95 15.17
CA GLU A 426 9.65 -10.41 14.05
C GLU A 426 9.37 -8.94 13.79
N LEU A 427 8.24 -8.41 14.29
CA LEU A 427 7.95 -7.00 14.17
C LEU A 427 8.55 -6.17 15.30
N GLY A 428 9.08 -6.81 16.34
CA GLY A 428 9.78 -6.11 17.39
C GLY A 428 8.90 -5.27 18.29
N GLY A 429 9.45 -4.83 19.42
CA GLY A 429 8.74 -3.91 20.28
C GLY A 429 8.65 -2.51 19.73
N HIS A 430 9.57 -2.14 18.84
CA HIS A 430 9.55 -0.86 18.15
C HIS A 430 9.81 -1.10 16.68
N ASN A 431 9.28 -0.22 15.84
CA ASN A 431 9.34 -0.39 14.39
C ASN A 431 9.60 0.99 13.78
N PHE A 432 9.33 1.13 12.49
CA PHE A 432 9.61 2.37 11.78
C PHE A 432 8.86 3.57 12.36
N ALA A 433 7.83 3.33 13.17
CA ALA A 433 7.11 4.42 13.81
C ALA A 433 8.07 5.27 14.63
N ALA A 434 7.96 6.59 14.44
CA ALA A 434 8.92 7.52 15.02
C ALA A 434 8.67 7.73 16.50
N MET A 435 9.76 7.96 17.24
CA MET A 435 9.70 8.31 18.65
C MET A 435 10.23 9.72 18.84
N ALA A 436 9.68 10.41 19.84
CA ALA A 436 9.97 11.83 20.03
C ALA A 436 10.68 12.07 21.35
N TYR A 437 11.19 13.28 21.51
CA TYR A 437 11.87 13.69 22.74
C TYR A 437 11.36 15.06 23.17
N SER A 438 11.26 15.24 24.49
CA SER A 438 10.87 16.53 25.07
C SER A 438 11.94 16.95 26.07
N PRO A 439 12.69 18.01 25.80
CA PRO A 439 13.62 18.54 26.81
C PRO A 439 12.94 19.30 27.93
N LYS A 440 11.71 19.78 27.73
CA LYS A 440 10.96 20.37 28.83
C LYS A 440 10.66 19.33 29.90
N THR A 441 10.26 18.13 29.49
CA THR A 441 10.02 17.02 30.41
C THR A 441 11.16 16.02 30.43
N LYS A 442 12.16 16.18 29.56
CA LYS A 442 13.30 15.26 29.48
C LYS A 442 12.84 13.81 29.29
N LEU A 443 11.84 13.62 28.43
CA LEU A 443 11.22 12.31 28.26
C LEU A 443 11.26 11.89 26.80
N VAL A 444 11.41 10.58 26.58
CA VAL A 444 11.43 10.01 25.24
C VAL A 444 10.15 9.22 25.05
N TYR A 445 9.31 9.66 24.13
CA TYR A 445 8.02 9.02 23.88
C TYR A 445 8.16 8.01 22.75
N ILE A 446 7.92 6.74 23.07
CA ILE A 446 8.15 5.62 22.17
C ILE A 446 6.82 4.91 21.94
N PRO A 447 6.39 4.73 20.68
CA PRO A 447 5.23 3.88 20.40
C PRO A 447 5.65 2.41 20.35
N ALA A 448 5.24 1.66 21.36
CA ALA A 448 5.66 0.28 21.51
C ALA A 448 4.51 -0.68 21.25
N GLN A 449 4.86 -1.91 20.88
CA GLN A 449 3.91 -2.93 20.51
C GLN A 449 4.38 -4.28 21.04
N GLN A 450 3.46 -5.24 21.06
CA GLN A 450 3.77 -6.61 21.50
C GLN A 450 3.03 -7.58 20.59
N ILE A 451 3.77 -8.20 19.68
CA ILE A 451 3.25 -9.20 18.75
C ILE A 451 4.19 -10.41 18.77
N PRO A 452 3.89 -11.46 19.52
CA PRO A 452 4.81 -12.59 19.61
C PRO A 452 4.86 -13.40 18.32
N LEU A 453 5.93 -14.17 18.17
CA LEU A 453 6.08 -15.02 17.00
C LEU A 453 6.65 -16.38 17.41
N LEU A 454 6.17 -17.44 16.76
CA LEU A 454 6.70 -18.77 16.97
C LEU A 454 7.80 -19.05 15.96
N TYR A 455 9.02 -19.25 16.44
CA TYR A 455 10.19 -19.51 15.60
C TYR A 455 10.49 -21.00 15.59
N ASP A 456 10.63 -21.56 14.39
CA ASP A 456 11.02 -22.95 14.22
C ASP A 456 11.72 -23.09 12.88
N GLY A 457 12.76 -23.92 12.83
CA GLY A 457 13.57 -24.02 11.64
C GLY A 457 12.82 -24.65 10.48
N GLN A 458 13.25 -24.29 9.27
CA GLN A 458 12.65 -24.85 8.07
C GLN A 458 13.03 -26.32 7.92
N LYS A 459 12.04 -27.16 7.65
CA LYS A 459 12.29 -28.60 7.58
C LYS A 459 13.08 -28.97 6.34
N GLY A 460 14.01 -29.91 6.49
CA GLY A 460 14.82 -30.36 5.39
C GLY A 460 16.02 -29.51 5.06
N GLY A 461 16.30 -28.49 5.86
CA GLY A 461 17.40 -27.59 5.58
C GLY A 461 16.97 -26.35 4.83
N PHE A 462 17.93 -25.46 4.62
CA PHE A 462 17.66 -24.21 3.93
C PHE A 462 17.32 -24.46 2.47
N LYS A 463 16.31 -23.74 1.98
CA LYS A 463 15.92 -23.81 0.58
C LYS A 463 15.45 -22.43 0.16
N ALA A 464 16.30 -21.70 -0.56
CA ALA A 464 15.97 -20.36 -1.01
C ALA A 464 15.03 -20.42 -2.20
N TYR A 465 13.99 -19.60 -2.18
CA TYR A 465 13.01 -19.52 -3.26
C TYR A 465 13.09 -18.17 -3.94
N HIS A 466 13.03 -18.18 -5.27
CA HIS A 466 12.85 -16.95 -6.00
C HIS A 466 11.51 -16.32 -5.62
N ASP A 467 11.48 -15.00 -5.53
CA ASP A 467 10.29 -14.21 -5.15
C ASP A 467 9.53 -14.84 -3.98
N ALA A 468 10.27 -15.08 -2.90
CA ALA A 468 9.67 -15.56 -1.65
C ALA A 468 10.57 -15.17 -0.49
N TRP A 469 9.99 -15.13 0.71
CA TRP A 469 10.74 -14.82 1.92
C TRP A 469 11.65 -15.99 2.26
N ASN A 470 12.96 -15.77 2.17
CA ASN A 470 13.93 -16.80 2.52
C ASN A 470 14.45 -16.59 3.94
N LEU A 471 13.53 -16.71 4.90
CA LEU A 471 13.88 -16.54 6.30
C LEU A 471 14.54 -17.78 6.90
N GLY A 472 14.36 -18.94 6.27
CA GLY A 472 14.94 -20.16 6.79
C GLY A 472 14.20 -20.76 7.97
N LEU A 473 12.95 -20.36 8.19
CA LEU A 473 12.16 -20.90 9.28
C LEU A 473 10.91 -21.60 8.74
N ASP A 474 10.28 -22.38 9.61
CA ASP A 474 9.11 -23.16 9.22
C ASP A 474 7.91 -22.24 9.03
N MET A 475 7.36 -22.22 7.82
CA MET A 475 6.19 -21.41 7.52
C MET A 475 4.89 -22.10 7.86
N ASN A 476 4.92 -23.39 8.23
CA ASN A 476 3.73 -24.06 8.72
C ASN A 476 3.42 -23.66 10.16
N LYS A 477 4.47 -23.47 10.97
CA LYS A 477 4.27 -23.20 12.39
C LYS A 477 3.72 -21.79 12.62
N ILE A 478 4.15 -20.83 11.80
CA ILE A 478 3.64 -19.46 11.96
C ILE A 478 2.20 -19.39 11.47
N GLY A 479 1.48 -18.42 12.00
CA GLY A 479 0.09 -18.22 11.60
C GLY A 479 -0.88 -18.93 12.51
N LEU A 480 -2.10 -18.42 12.56
CA LEU A 480 -3.17 -18.94 13.39
C LEU A 480 -4.29 -19.52 12.52
N PHE A 481 -5.12 -20.35 13.14
CA PHE A 481 -6.22 -21.01 12.47
C PHE A 481 -7.52 -20.68 13.17
N ASP A 482 -8.63 -20.86 12.43
CA ASP A 482 -9.96 -20.57 12.93
C ASP A 482 -10.81 -21.83 13.10
N ASP A 483 -10.19 -23.01 13.07
CA ASP A 483 -10.91 -24.27 13.18
C ASP A 483 -11.24 -24.54 14.65
N ASN A 484 -11.75 -25.74 14.93
CA ASN A 484 -12.18 -26.12 16.27
C ASN A 484 -11.16 -26.98 16.99
N ASP A 485 -9.95 -27.11 16.45
CA ASP A 485 -8.92 -27.89 17.13
C ASP A 485 -8.57 -27.23 18.45
N PRO A 486 -8.57 -27.97 19.56
CA PRO A 486 -8.25 -27.34 20.86
C PRO A 486 -6.86 -26.71 20.88
N GLU A 487 -5.89 -27.31 20.21
CA GLU A 487 -4.55 -26.70 20.14
C GLU A 487 -4.61 -25.36 19.43
N HIS A 488 -5.31 -25.31 18.29
CA HIS A 488 -5.42 -24.06 17.55
C HIS A 488 -6.20 -23.02 18.33
N VAL A 489 -7.26 -23.44 19.01
CA VAL A 489 -8.05 -22.51 19.81
C VAL A 489 -7.20 -21.91 20.93
N ALA A 490 -6.44 -22.76 21.63
CA ALA A 490 -5.58 -22.28 22.70
C ALA A 490 -4.51 -21.34 22.17
N ALA A 491 -3.91 -21.69 21.02
CA ALA A 491 -2.87 -20.84 20.45
C ALA A 491 -3.42 -19.46 20.08
N LYS A 492 -4.58 -19.43 19.43
CA LYS A 492 -5.19 -18.15 19.08
C LYS A 492 -5.56 -17.34 20.31
N LYS A 493 -6.10 -18.01 21.33
CA LYS A 493 -6.48 -17.31 22.55
C LYS A 493 -5.25 -16.69 23.22
N ASP A 494 -4.16 -17.44 23.31
CA ASP A 494 -2.94 -16.91 23.90
C ASP A 494 -2.38 -15.74 23.08
N PHE A 495 -2.38 -15.88 21.75
CA PHE A 495 -1.87 -14.81 20.90
C PHE A 495 -2.68 -13.54 21.08
N LEU A 496 -4.00 -13.65 21.13
CA LEU A 496 -4.84 -12.48 21.38
C LEU A 496 -4.62 -11.94 22.78
N LYS A 497 -4.30 -12.81 23.74
CA LYS A 497 -4.05 -12.36 25.11
C LYS A 497 -2.80 -11.49 25.18
N VAL A 498 -1.74 -11.84 24.46
CA VAL A 498 -0.48 -11.14 24.62
C VAL A 498 -0.15 -10.26 23.42
N LEU A 499 -1.18 -9.77 22.73
CA LEU A 499 -1.01 -8.86 21.61
C LEU A 499 -1.46 -7.47 22.06
N LYS A 500 -0.53 -6.51 22.09
CA LYS A 500 -0.82 -5.24 22.74
C LYS A 500 -0.14 -4.09 22.00
N GLY A 501 -0.61 -2.87 22.31
CA GLY A 501 -0.01 -1.66 21.79
C GLY A 501 -0.14 -0.49 22.76
N TRP A 502 0.89 0.34 22.86
CA TRP A 502 0.85 1.44 23.81
C TRP A 502 1.93 2.46 23.45
N THR A 503 1.99 3.53 24.22
CA THR A 503 3.02 4.56 24.09
C THR A 503 3.63 4.79 25.46
N VAL A 504 4.96 4.71 25.54
CA VAL A 504 5.67 4.78 26.82
C VAL A 504 6.52 6.04 26.85
N ALA A 505 6.46 6.77 27.96
CA ALA A 505 7.30 7.95 28.17
C ALA A 505 8.51 7.51 28.99
N TRP A 506 9.53 7.01 28.29
CA TRP A 506 10.76 6.58 28.95
C TRP A 506 11.51 7.76 29.53
N ASP A 507 12.09 7.56 30.71
CA ASP A 507 12.95 8.55 31.35
C ASP A 507 14.39 8.05 31.31
N PRO A 508 15.22 8.53 30.39
CA PRO A 508 16.58 7.99 30.28
C PRO A 508 17.42 8.15 31.53
N GLU A 509 17.21 9.23 32.30
CA GLU A 509 17.98 9.42 33.52
C GLU A 509 17.70 8.33 34.54
N LYS A 510 16.44 7.93 34.68
CA LYS A 510 16.07 6.85 35.58
C LYS A 510 15.99 5.50 34.90
N MET A 511 15.97 5.47 33.56
CA MET A 511 15.80 4.24 32.79
C MET A 511 14.53 3.49 33.23
N ALA A 512 13.48 4.25 33.47
CA ALA A 512 12.18 3.72 33.90
C ALA A 512 11.09 4.47 33.16
N PRO A 513 9.93 3.84 32.94
CA PRO A 513 8.84 4.53 32.27
C PRO A 513 8.17 5.54 33.19
N ALA A 514 8.06 6.78 32.72
CA ALA A 514 7.38 7.81 33.50
C ALA A 514 5.88 7.58 33.50
N PHE A 515 5.31 7.29 32.33
CA PHE A 515 3.89 6.97 32.23
C PHE A 515 3.65 6.23 30.92
N THR A 516 2.43 5.73 30.75
CA THR A 516 2.07 4.98 29.56
C THR A 516 0.66 5.38 29.12
N ILE A 517 0.42 5.26 27.82
CA ILE A 517 -0.90 5.45 27.21
C ILE A 517 -1.24 4.14 26.50
N ASN A 518 -2.27 3.46 26.99
CA ASN A 518 -2.64 2.16 26.43
C ASN A 518 -3.44 2.35 25.14
N HIS A 519 -3.42 1.32 24.29
CA HIS A 519 -4.23 1.30 23.09
C HIS A 519 -4.84 -0.08 22.93
N LYS A 520 -5.79 -0.18 22.01
CA LYS A 520 -6.45 -1.47 21.78
C LYS A 520 -5.49 -2.47 21.13
N GLY A 521 -4.63 -2.00 20.23
CA GLY A 521 -3.74 -2.88 19.50
C GLY A 521 -2.49 -2.21 18.99
N PRO A 522 -1.64 -2.97 18.30
CA PRO A 522 -0.37 -2.44 17.82
C PRO A 522 -0.48 -1.70 16.51
N TRP A 523 0.68 -1.30 15.96
CA TRP A 523 0.79 -0.68 14.63
C TRP A 523 0.09 0.69 14.61
N ASN A 524 0.45 1.55 15.55
CA ASN A 524 0.00 2.93 15.57
C ASN A 524 1.07 3.83 14.94
N GLY A 525 0.73 5.10 14.79
CA GLY A 525 1.62 6.06 14.17
C GLY A 525 2.72 6.54 15.10
N GLY A 526 3.59 7.37 14.54
CA GLY A 526 4.70 7.91 15.29
C GLY A 526 4.28 9.02 16.22
N LEU A 527 5.27 9.54 16.96
CA LEU A 527 5.05 10.56 17.97
C LEU A 527 5.65 11.89 17.53
N LEU A 528 4.99 12.97 17.93
CA LEU A 528 5.52 14.32 17.74
C LEU A 528 5.40 15.09 19.05
N ALA A 529 6.46 15.78 19.43
CA ALA A 529 6.49 16.55 20.67
C ALA A 529 6.75 18.02 20.34
N THR A 530 6.02 18.90 21.01
CA THR A 530 6.14 20.34 20.82
C THR A 530 6.45 21.00 22.16
N ALA A 531 6.67 22.32 22.11
CA ALA A 531 6.99 23.09 23.30
C ALA A 531 5.76 23.51 24.09
N GLY A 532 4.57 23.15 23.62
CA GLY A 532 3.35 23.42 24.36
C GLY A 532 2.99 22.28 25.28
N ASN A 533 3.96 21.39 25.54
CA ASN A 533 3.78 20.22 26.39
C ASN A 533 2.66 19.32 25.86
N VAL A 534 2.59 19.19 24.55
CA VAL A 534 1.58 18.37 23.89
C VAL A 534 2.27 17.40 22.94
N ILE A 535 1.85 16.14 22.95
CA ILE A 535 2.37 15.12 22.05
C ILE A 535 1.25 14.63 21.15
N PHE A 536 1.54 14.52 19.86
CA PHE A 536 0.58 14.13 18.85
C PHE A 536 0.92 12.75 18.32
N GLN A 537 -0.11 11.94 18.07
CA GLN A 537 0.07 10.60 17.55
C GLN A 537 -1.20 10.14 16.83
N GLY A 538 -1.03 9.39 15.75
CA GLY A 538 -2.14 8.79 15.04
C GLY A 538 -2.27 7.32 15.42
N LEU A 539 -3.49 6.91 15.72
CA LEU A 539 -3.77 5.56 16.17
C LEU A 539 -4.19 4.67 15.01
N ALA A 540 -4.16 3.35 15.26
CA ALA A 540 -4.50 2.35 14.26
C ALA A 540 -6.00 2.21 14.05
N ASN A 541 -6.82 2.79 14.92
CA ASN A 541 -8.27 2.76 14.74
C ASN A 541 -8.76 3.93 13.89
N GLY A 542 -7.87 4.79 13.43
CA GLY A 542 -8.26 5.92 12.60
C GLY A 542 -8.39 7.25 13.32
N GLU A 543 -7.88 7.36 14.55
CA GLU A 543 -8.02 8.57 15.35
C GLU A 543 -6.68 9.28 15.46
N PHE A 544 -6.70 10.59 15.24
CA PHE A 544 -5.57 11.45 15.54
C PHE A 544 -5.75 12.04 16.93
N HIS A 545 -4.74 11.88 17.79
CA HIS A 545 -4.86 12.21 19.20
C HIS A 545 -3.74 13.15 19.60
N ALA A 546 -4.08 14.04 20.54
CA ALA A 546 -3.13 14.93 21.19
C ALA A 546 -3.26 14.75 22.69
N TYR A 547 -2.15 14.43 23.35
CA TYR A 547 -2.10 14.14 24.77
C TYR A 547 -1.20 15.15 25.47
N ASP A 548 -1.42 15.28 26.78
CA ASP A 548 -0.49 16.02 27.63
C ASP A 548 0.85 15.30 27.68
N ALA A 549 1.93 16.07 27.61
CA ALA A 549 3.27 15.49 27.59
C ALA A 549 3.82 15.20 28.98
N THR A 550 3.14 15.65 30.04
CA THR A 550 3.62 15.44 31.39
C THR A 550 2.94 14.26 32.10
N ASN A 551 1.65 14.05 31.85
CA ASN A 551 0.94 12.94 32.47
C ASN A 551 0.21 12.05 31.49
N GLY A 552 0.24 12.36 30.18
CA GLY A 552 -0.37 11.51 29.19
C GLY A 552 -1.88 11.62 29.09
N ASN A 553 -2.48 12.61 29.73
CA ASN A 553 -3.93 12.76 29.67
C ASN A 553 -4.37 13.09 28.25
N ASP A 554 -5.46 12.44 27.81
CA ASP A 554 -5.98 12.70 26.48
C ASP A 554 -6.60 14.09 26.42
N LEU A 555 -6.23 14.86 25.40
CA LEU A 555 -6.69 16.24 25.26
C LEU A 555 -7.50 16.47 24.00
N TYR A 556 -7.12 15.85 22.89
CA TYR A 556 -7.83 16.06 21.63
C TYR A 556 -7.90 14.76 20.85
N SER A 557 -9.05 14.54 20.20
CA SER A 557 -9.27 13.36 19.37
C SER A 557 -10.03 13.75 18.12
N PHE A 558 -9.66 13.15 16.98
CA PHE A 558 -10.30 13.44 15.70
C PHE A 558 -10.38 12.19 14.84
N PRO A 559 -11.56 11.84 14.32
CA PRO A 559 -11.67 10.66 13.44
C PRO A 559 -11.19 11.00 12.03
N ALA A 560 -10.19 10.25 11.56
CA ALA A 560 -9.55 10.52 10.28
C ALA A 560 -10.04 9.61 9.16
N GLN A 561 -11.05 8.77 9.42
CA GLN A 561 -11.68 7.86 8.47
C GLN A 561 -10.75 6.74 8.01
N SER A 562 -9.50 6.72 8.46
CA SER A 562 -8.57 5.66 8.11
C SER A 562 -7.44 5.67 9.13
N ALA A 563 -6.81 4.51 9.28
CA ALA A 563 -5.75 4.37 10.28
C ALA A 563 -4.54 5.22 9.89
N ILE A 564 -3.83 5.69 10.92
CA ILE A 564 -2.66 6.53 10.74
C ILE A 564 -1.44 5.75 11.20
N ILE A 565 -0.49 5.56 10.29
CA ILE A 565 0.76 4.87 10.59
C ILE A 565 1.98 5.74 10.39
N ALA A 566 1.80 7.00 9.96
CA ALA A 566 2.87 7.96 9.73
C ALA A 566 2.98 8.91 10.92
N PRO A 567 4.18 9.39 11.22
CA PRO A 567 4.36 10.31 12.35
C PRO A 567 3.87 11.70 11.98
N PRO A 568 3.21 12.38 12.90
CA PRO A 568 2.77 13.75 12.63
C PRO A 568 3.94 14.73 12.65
N VAL A 569 3.80 15.81 11.89
CA VAL A 569 4.74 16.91 11.89
C VAL A 569 3.98 18.18 12.23
N THR A 570 4.73 19.18 12.68
CA THR A 570 4.16 20.50 12.93
C THR A 570 5.09 21.56 12.37
N TYR A 571 4.51 22.70 12.01
CA TYR A 571 5.26 23.74 11.32
C TYR A 571 4.50 25.05 11.44
N THR A 572 5.01 26.08 10.78
CA THR A 572 4.34 27.37 10.72
C THR A 572 4.22 27.81 9.27
N ALA A 573 3.09 28.44 8.95
CA ALA A 573 2.85 29.02 7.64
C ALA A 573 2.15 30.35 7.85
N ASN A 574 2.64 31.40 7.19
CA ASN A 574 2.12 32.76 7.35
C ASN A 574 2.06 33.18 8.82
N GLY A 575 2.90 32.58 9.67
CA GLY A 575 2.94 32.91 11.07
C GLY A 575 2.07 32.09 11.98
N LYS A 576 1.23 31.20 11.45
CA LYS A 576 0.35 30.38 12.26
C LYS A 576 0.76 28.92 12.18
N GLN A 577 0.60 28.21 13.29
CA GLN A 577 1.10 26.85 13.43
C GLN A 577 0.09 25.83 12.92
N TYR A 578 0.59 24.84 12.18
CA TYR A 578 -0.19 23.73 11.68
C TYR A 578 0.40 22.41 12.14
N VAL A 579 -0.47 21.41 12.31
CA VAL A 579 -0.07 20.05 12.62
C VAL A 579 -0.64 19.13 11.55
N ALA A 580 0.24 18.50 10.77
CA ALA A 580 -0.18 17.70 9.63
C ALA A 580 0.29 16.25 9.78
N VAL A 581 -0.42 15.35 9.11
CA VAL A 581 -0.10 13.94 9.15
C VAL A 581 -0.70 13.27 7.93
N GLU A 582 -0.06 12.19 7.48
CA GLU A 582 -0.55 11.36 6.38
C GLU A 582 -1.30 10.17 6.94
N VAL A 583 -2.49 9.91 6.41
CA VAL A 583 -3.34 8.80 6.87
C VAL A 583 -3.45 7.78 5.75
N GLY A 584 -3.37 6.50 6.12
CA GLY A 584 -3.51 5.39 5.20
C GLY A 584 -3.15 4.08 5.88
N TRP A 585 -3.97 3.05 5.65
CA TRP A 585 -3.77 1.76 6.29
C TRP A 585 -2.86 0.90 5.42
N GLY A 586 -1.78 0.40 6.00
CA GLY A 586 -0.82 -0.39 5.25
C GLY A 586 0.35 -0.78 6.12
N GLY A 587 1.36 -1.34 5.47
CA GLY A 587 2.53 -1.86 6.15
C GLY A 587 2.52 -3.37 6.20
N ILE A 588 3.55 -3.90 6.87
CA ILE A 588 3.68 -5.36 6.96
C ILE A 588 2.60 -5.95 7.86
N TYR A 589 2.19 -5.25 8.90
CA TYR A 589 1.25 -5.84 9.86
C TYR A 589 -0.11 -6.15 9.25
N PRO A 590 -0.81 -5.21 8.60
CA PRO A 590 -2.07 -5.60 7.94
C PRO A 590 -1.88 -6.56 6.79
N PHE A 591 -0.75 -6.45 6.08
CA PHE A 591 -0.49 -7.35 4.96
C PHE A 591 -0.37 -8.80 5.43
N LEU A 592 0.27 -9.01 6.58
CA LEU A 592 0.63 -10.34 7.04
C LEU A 592 -0.40 -10.93 8.01
N TYR A 593 -0.72 -10.22 9.08
CA TYR A 593 -1.48 -10.83 10.16
C TYR A 593 -2.97 -10.96 9.87
N GLY A 594 -3.48 -10.22 8.88
CA GLY A 594 -4.81 -10.46 8.36
C GLY A 594 -5.94 -10.37 9.36
N GLY A 595 -6.51 -11.52 9.73
CA GLY A 595 -7.70 -11.57 10.56
C GLY A 595 -7.53 -10.97 11.94
N VAL A 596 -6.29 -10.88 12.44
CA VAL A 596 -6.04 -10.30 13.75
C VAL A 596 -5.42 -8.91 13.64
N ALA A 597 -5.41 -8.32 12.45
CA ALA A 597 -4.83 -7.01 12.24
C ALA A 597 -5.77 -5.86 12.54
N ARG A 598 -7.04 -6.15 12.85
CA ARG A 598 -8.04 -5.11 13.11
C ARG A 598 -8.52 -5.15 14.56
N THR A 599 -7.69 -5.63 15.47
CA THR A 599 -8.07 -5.67 16.88
C THR A 599 -8.21 -4.26 17.46
N SER A 600 -7.51 -3.28 16.88
CA SER A 600 -7.65 -1.91 17.34
C SER A 600 -8.95 -1.27 16.89
N GLY A 601 -9.70 -1.92 16.01
CA GLY A 601 -10.92 -1.36 15.46
C GLY A 601 -10.98 -1.51 13.96
N TRP A 602 -12.18 -1.45 13.39
CA TRP A 602 -12.33 -1.60 11.94
C TRP A 602 -11.72 -0.42 11.21
N THR A 603 -11.02 -0.71 10.12
CA THR A 603 -10.41 0.33 9.32
C THR A 603 -10.16 -0.18 7.90
N VAL A 604 -10.28 0.72 6.94
CA VAL A 604 -9.88 0.46 5.56
C VAL A 604 -8.87 1.53 5.17
N ASN A 605 -8.40 1.49 3.94
CA ASN A 605 -7.39 2.44 3.46
C ASN A 605 -8.08 3.56 2.70
N HIS A 606 -8.03 4.77 3.26
CA HIS A 606 -8.45 5.99 2.59
C HIS A 606 -7.29 6.97 2.75
N SER A 607 -6.32 6.87 1.84
CA SER A 607 -5.06 7.58 1.99
C SER A 607 -5.23 9.05 1.65
N ARG A 608 -4.73 9.91 2.53
CA ARG A 608 -4.74 11.35 2.28
C ARG A 608 -3.75 12.01 3.22
N VAL A 609 -3.65 13.34 3.13
CA VAL A 609 -2.85 14.15 4.04
C VAL A 609 -3.77 15.19 4.66
N ILE A 610 -3.74 15.28 5.99
CA ILE A 610 -4.62 16.19 6.71
C ILE A 610 -3.77 17.13 7.54
N ALA A 611 -4.29 18.33 7.77
CA ALA A 611 -3.61 19.33 8.59
C ALA A 611 -4.64 20.07 9.43
N PHE A 612 -4.31 20.25 10.71
CA PHE A 612 -5.14 20.93 11.69
C PHE A 612 -4.49 22.24 12.09
N SER A 613 -5.33 23.26 12.27
CA SER A 613 -4.91 24.56 12.76
C SER A 613 -5.84 24.99 13.88
N LEU A 614 -5.45 26.07 14.57
CA LEU A 614 -6.24 26.56 15.70
C LEU A 614 -7.60 27.10 15.27
N ASP A 615 -7.74 27.51 14.01
CA ASP A 615 -9.00 28.04 13.50
C ASP A 615 -9.35 27.41 12.16
N GLY A 616 -9.13 26.10 12.05
CA GLY A 616 -9.52 25.41 10.83
C GLY A 616 -11.03 25.27 10.72
N LYS A 617 -11.51 25.23 9.48
CA LYS A 617 -12.94 25.12 9.21
C LYS A 617 -13.20 24.13 8.08
N ASP A 618 -12.50 23.00 8.11
CA ASP A 618 -12.65 21.96 7.10
C ASP A 618 -13.37 20.74 7.69
N SER A 619 -13.76 19.84 6.80
CA SER A 619 -14.43 18.61 7.21
C SER A 619 -14.16 17.53 6.17
N LEU A 620 -13.98 16.30 6.65
CA LEU A 620 -13.71 15.19 5.75
C LEU A 620 -15.00 14.70 5.11
N PRO A 621 -15.07 14.62 3.78
CA PRO A 621 -16.27 14.10 3.13
C PRO A 621 -16.46 12.63 3.43
N PRO A 622 -17.69 12.12 3.38
CA PRO A 622 -17.93 10.71 3.71
C PRO A 622 -17.29 9.78 2.69
N LYS A 623 -16.94 8.59 3.15
CA LYS A 623 -16.30 7.58 2.32
C LYS A 623 -16.89 6.22 2.64
N ASN A 624 -16.68 5.27 1.72
CA ASN A 624 -17.17 3.91 1.89
C ASN A 624 -16.19 3.11 2.73
N GLU A 625 -16.66 2.57 3.84
CA GLU A 625 -15.82 1.82 4.78
C GLU A 625 -16.14 0.33 4.80
N LEU A 626 -16.83 -0.17 3.77
CA LEU A 626 -17.17 -1.59 3.74
C LEU A 626 -15.97 -2.47 3.42
N GLY A 627 -14.93 -1.93 2.78
CA GLY A 627 -13.78 -2.74 2.45
C GLY A 627 -14.11 -3.72 1.34
N PHE A 628 -13.53 -4.92 1.44
CA PHE A 628 -13.75 -5.98 0.47
C PHE A 628 -14.79 -6.94 1.03
N THR A 629 -16.00 -6.88 0.50
CA THR A 629 -17.12 -7.69 0.98
C THR A 629 -17.04 -9.11 0.43
N PRO A 630 -17.56 -10.09 1.17
CA PRO A 630 -17.50 -11.48 0.69
C PRO A 630 -18.36 -11.72 -0.53
N VAL A 631 -17.91 -12.66 -1.36
CA VAL A 631 -18.64 -13.12 -2.54
C VAL A 631 -18.65 -14.64 -2.51
N LYS A 632 -19.78 -15.24 -2.85
CA LYS A 632 -19.94 -16.68 -2.74
C LYS A 632 -18.97 -17.39 -3.67
N PRO A 633 -18.20 -18.37 -3.17
CA PRO A 633 -17.21 -19.04 -4.02
C PRO A 633 -17.76 -20.29 -4.71
N VAL A 634 -16.93 -20.92 -5.53
CA VAL A 634 -17.28 -22.20 -6.16
C VAL A 634 -17.28 -23.28 -5.08
N PRO A 635 -18.13 -24.29 -5.18
CA PRO A 635 -18.23 -25.31 -4.13
C PRO A 635 -17.29 -26.50 -4.30
N THR A 636 -16.51 -26.57 -5.37
CA THR A 636 -15.68 -27.74 -5.66
C THR A 636 -14.22 -27.46 -5.34
N TYR A 637 -13.62 -28.32 -4.53
CA TYR A 637 -12.20 -28.25 -4.22
C TYR A 637 -11.69 -29.66 -3.95
N ASP A 638 -10.38 -29.81 -4.01
CA ASP A 638 -9.73 -31.09 -3.78
C ASP A 638 -9.14 -31.12 -2.37
N GLU A 639 -9.47 -32.16 -1.61
CA GLU A 639 -8.96 -32.28 -0.25
C GLU A 639 -7.51 -32.74 -0.24
N ALA A 640 -7.13 -33.62 -1.18
CA ALA A 640 -5.79 -34.18 -1.18
C ALA A 640 -4.73 -33.09 -1.38
N ARG A 641 -5.09 -31.98 -2.03
CA ARG A 641 -4.17 -30.88 -2.24
C ARG A 641 -4.27 -29.81 -1.17
N GLN A 642 -4.92 -30.10 -0.04
CA GLN A 642 -5.09 -29.08 0.99
C GLN A 642 -3.77 -28.76 1.69
N LYS A 643 -3.20 -29.75 2.39
CA LYS A 643 -2.05 -29.54 3.26
C LYS A 643 -0.93 -28.80 2.57
N ASP A 644 -0.32 -29.42 1.57
CA ASP A 644 0.77 -28.77 0.84
C ASP A 644 0.32 -27.44 0.27
N GLY A 645 -0.92 -27.36 -0.24
CA GLY A 645 -1.42 -26.10 -0.72
C GLY A 645 -1.33 -25.02 0.32
N TYR A 646 -1.84 -25.30 1.53
CA TYR A 646 -1.71 -24.35 2.63
C TYR A 646 -0.24 -23.96 2.81
N PHE A 647 0.64 -24.96 2.84
CA PHE A 647 2.07 -24.70 2.98
C PHE A 647 2.53 -23.69 1.94
N MET A 648 2.17 -23.94 0.68
CA MET A 648 2.62 -23.04 -0.38
C MET A 648 2.07 -21.63 -0.15
N TYR A 649 0.79 -21.52 0.24
CA TYR A 649 0.22 -20.21 0.48
C TYR A 649 0.98 -19.48 1.59
N GLN A 650 1.51 -20.23 2.56
CA GLN A 650 2.21 -19.60 3.66
C GLN A 650 3.61 -19.14 3.28
N THR A 651 4.16 -19.63 2.17
CA THR A 651 5.52 -19.26 1.80
C THR A 651 5.59 -18.28 0.64
N PHE A 652 4.51 -18.10 -0.11
CA PHE A 652 4.52 -17.24 -1.28
C PHE A 652 3.49 -16.11 -1.22
N CYS A 653 2.30 -16.37 -0.68
CA CYS A 653 1.21 -15.40 -0.75
C CYS A 653 0.81 -14.81 0.59
N SER A 654 1.23 -15.41 1.71
CA SER A 654 0.78 -14.94 3.02
C SER A 654 1.35 -13.56 3.35
N ALA A 655 2.50 -13.21 2.76
CA ALA A 655 3.15 -11.95 3.10
C ALA A 655 2.34 -10.73 2.67
N CYS A 656 1.46 -10.87 1.68
CA CYS A 656 0.67 -9.75 1.18
C CYS A 656 -0.83 -9.93 1.35
N HIS A 657 -1.34 -11.15 1.23
CA HIS A 657 -2.77 -11.41 1.28
C HIS A 657 -3.22 -11.91 2.65
N GLY A 658 -2.34 -11.92 3.64
CA GLY A 658 -2.73 -12.26 4.99
C GLY A 658 -2.58 -13.74 5.30
N ASP A 659 -2.37 -14.03 6.58
CA ASP A 659 -2.22 -15.40 7.03
C ASP A 659 -3.56 -16.13 6.99
N ASN A 660 -3.51 -17.40 6.58
CA ASN A 660 -4.71 -18.25 6.46
C ASN A 660 -5.72 -17.66 5.48
N ALA A 661 -5.24 -17.00 4.43
CA ALA A 661 -6.06 -16.49 3.34
C ALA A 661 -7.08 -15.45 3.82
N ILE A 662 -6.75 -14.71 4.87
CA ILE A 662 -7.59 -13.64 5.37
C ILE A 662 -6.82 -12.33 5.24
N SER A 663 -7.36 -11.39 4.46
CA SER A 663 -6.67 -10.14 4.20
C SER A 663 -6.87 -9.17 5.36
N GLY A 664 -5.87 -8.30 5.55
CA GLY A 664 -5.90 -7.29 6.60
C GLY A 664 -6.63 -6.02 6.27
N GLY A 665 -7.15 -5.88 5.06
CA GLY A 665 -7.95 -4.73 4.68
C GLY A 665 -7.34 -3.80 3.65
N VAL A 666 -6.12 -4.05 3.21
CA VAL A 666 -5.46 -3.21 2.22
C VAL A 666 -5.44 -3.88 0.85
N LEU A 667 -4.99 -5.11 0.79
CA LEU A 667 -4.92 -5.88 -0.44
C LEU A 667 -6.14 -6.77 -0.59
N PRO A 668 -6.49 -7.16 -1.82
CA PRO A 668 -7.72 -7.92 -2.03
C PRO A 668 -7.71 -9.24 -1.27
N ASP A 669 -8.89 -9.63 -0.79
CA ASP A 669 -9.06 -10.91 -0.12
C ASP A 669 -9.22 -12.00 -1.18
N LEU A 670 -8.36 -13.01 -1.14
CA LEU A 670 -8.36 -14.04 -2.17
C LEU A 670 -9.56 -14.98 -2.05
N ARG A 671 -10.21 -15.02 -0.89
CA ARG A 671 -11.36 -15.90 -0.72
C ARG A 671 -12.53 -15.48 -1.60
N TRP A 672 -12.71 -14.17 -1.78
CA TRP A 672 -13.79 -13.64 -2.59
C TRP A 672 -13.35 -13.26 -4.00
N SER A 673 -12.13 -13.60 -4.38
CA SER A 673 -11.62 -13.28 -5.71
C SER A 673 -12.24 -14.21 -6.75
N GLY A 674 -12.38 -13.69 -7.97
CA GLY A 674 -12.88 -14.50 -9.07
C GLY A 674 -11.85 -15.35 -9.77
N ALA A 675 -10.57 -15.11 -9.49
CA ALA A 675 -9.52 -15.94 -10.09
C ALA A 675 -9.56 -17.39 -9.64
N PRO A 676 -9.69 -17.72 -8.35
CA PRO A 676 -9.66 -19.13 -7.94
C PRO A 676 -10.85 -19.95 -8.42
N ARG A 677 -11.80 -19.37 -9.15
CA ARG A 677 -12.95 -20.14 -9.63
C ARG A 677 -12.56 -21.11 -10.73
N GLY A 678 -11.42 -20.94 -11.36
CA GLY A 678 -10.98 -21.83 -12.42
C GLY A 678 -9.49 -22.00 -12.40
N ARG A 679 -9.03 -23.14 -12.93
CA ARG A 679 -7.60 -23.43 -12.95
C ARG A 679 -6.86 -22.48 -13.88
N GLU A 680 -7.39 -22.26 -15.09
CA GLU A 680 -6.68 -21.47 -16.09
C GLU A 680 -6.56 -20.02 -15.65
N SER A 681 -7.65 -19.42 -15.17
CA SER A 681 -7.59 -18.03 -14.75
C SER A 681 -6.65 -17.84 -13.57
N PHE A 682 -6.70 -18.76 -12.60
CA PHE A 682 -5.81 -18.67 -11.46
C PHE A 682 -4.35 -18.78 -11.87
N TYR A 683 -4.04 -19.71 -12.78
CA TYR A 683 -2.65 -19.82 -13.24
C TYR A 683 -2.21 -18.58 -14.00
N LYS A 684 -3.08 -18.07 -14.89
CA LYS A 684 -2.71 -16.89 -15.67
C LYS A 684 -2.57 -15.65 -14.80
N LEU A 685 -3.20 -15.62 -13.63
CA LEU A 685 -2.99 -14.51 -12.70
C LEU A 685 -1.76 -14.71 -11.84
N VAL A 686 -1.52 -15.91 -11.34
CA VAL A 686 -0.41 -16.16 -10.44
C VAL A 686 0.83 -16.59 -11.19
N GLY A 687 0.70 -17.58 -12.09
CA GLY A 687 1.85 -18.02 -12.85
C GLY A 687 2.34 -16.99 -13.85
N ARG A 688 1.42 -16.30 -14.52
CA ARG A 688 1.78 -15.38 -15.58
C ARG A 688 1.78 -13.91 -15.14
N GLY A 689 1.23 -13.60 -13.98
CA GLY A 689 1.25 -12.24 -13.47
C GLY A 689 0.48 -11.25 -14.32
N ALA A 690 -0.78 -11.57 -14.62
CA ALA A 690 -1.61 -10.71 -15.45
C ALA A 690 -1.81 -9.32 -14.85
N LEU A 691 -1.70 -9.19 -13.53
CA LEU A 691 -1.85 -7.91 -12.86
C LEU A 691 -0.52 -7.32 -12.44
N THR A 692 0.51 -7.49 -13.27
CA THR A 692 1.84 -6.98 -12.93
C THR A 692 1.86 -5.45 -12.87
N ALA A 693 0.97 -4.79 -13.61
CA ALA A 693 0.94 -3.34 -13.62
C ALA A 693 0.50 -2.74 -12.29
N TYR A 694 -0.01 -3.55 -11.37
CA TYR A 694 -0.48 -3.06 -10.09
C TYR A 694 0.17 -3.75 -8.89
N GLY A 695 1.05 -4.72 -9.11
CA GLY A 695 1.76 -5.33 -8.01
C GLY A 695 1.72 -6.85 -7.95
N MET A 696 0.85 -7.48 -8.74
CA MET A 696 0.78 -8.94 -8.80
C MET A 696 1.78 -9.43 -9.84
N ASP A 697 2.93 -9.90 -9.37
CA ASP A 697 3.97 -10.40 -10.25
C ASP A 697 3.83 -11.90 -10.44
N ARG A 698 4.48 -12.40 -11.50
CA ARG A 698 4.41 -13.82 -11.82
C ARG A 698 5.15 -14.65 -10.78
N PHE A 699 4.63 -15.86 -10.53
CA PHE A 699 5.22 -16.78 -9.58
C PHE A 699 5.62 -18.10 -10.24
N ASP A 700 5.66 -18.15 -11.57
CA ASP A 700 6.08 -19.36 -12.26
C ASP A 700 7.59 -19.56 -12.23
N THR A 701 8.35 -18.59 -11.75
CA THR A 701 9.79 -18.75 -11.61
C THR A 701 10.18 -19.51 -10.35
N SER A 702 9.22 -19.82 -9.47
CA SER A 702 9.50 -20.57 -8.27
C SER A 702 8.50 -21.68 -7.98
N MET A 703 7.36 -21.72 -8.65
CA MET A 703 6.32 -22.71 -8.39
C MET A 703 5.87 -23.36 -9.69
N THR A 704 5.72 -24.68 -9.65
CA THR A 704 5.16 -25.43 -10.77
C THR A 704 3.64 -25.22 -10.82
N PRO A 705 3.02 -25.48 -11.97
CA PRO A 705 1.55 -25.32 -12.06
C PRO A 705 0.79 -26.15 -11.05
N GLU A 706 1.29 -27.33 -10.68
CA GLU A 706 0.60 -28.16 -9.71
C GLU A 706 0.53 -27.48 -8.35
N GLN A 707 1.63 -26.83 -7.93
CA GLN A 707 1.63 -26.14 -6.65
C GLN A 707 0.67 -24.96 -6.66
N ILE A 708 0.58 -24.25 -7.79
CA ILE A 708 -0.38 -23.15 -7.91
C ILE A 708 -1.80 -23.67 -7.84
N GLU A 709 -2.06 -24.83 -8.47
CA GLU A 709 -3.38 -25.45 -8.36
C GLU A 709 -3.69 -25.85 -6.92
N ASP A 710 -2.67 -26.32 -6.19
CA ASP A 710 -2.85 -26.64 -4.78
C ASP A 710 -3.23 -25.41 -3.98
N ILE A 711 -2.56 -24.28 -4.27
CA ILE A 711 -2.91 -23.02 -3.62
C ILE A 711 -4.35 -22.65 -3.94
N ARG A 712 -4.77 -22.83 -5.19
CA ARG A 712 -6.13 -22.50 -5.59
C ARG A 712 -7.14 -23.34 -4.82
N ASN A 713 -6.87 -24.64 -4.70
CA ASN A 713 -7.78 -25.52 -3.96
C ASN A 713 -7.85 -25.12 -2.50
N PHE A 714 -6.71 -24.77 -1.90
CA PHE A 714 -6.71 -24.32 -0.51
C PHE A 714 -7.53 -23.05 -0.34
N ILE A 715 -7.38 -22.10 -1.26
CA ILE A 715 -8.12 -20.85 -1.18
C ILE A 715 -9.62 -21.10 -1.32
N VAL A 716 -10.00 -21.99 -2.24
CA VAL A 716 -11.42 -22.30 -2.43
C VAL A 716 -11.99 -22.95 -1.17
N LYS A 717 -11.23 -23.87 -0.56
CA LYS A 717 -11.70 -24.50 0.67
C LYS A 717 -11.86 -23.48 1.79
N ARG A 718 -10.90 -22.56 1.93
CA ARG A 718 -11.00 -21.54 2.96
C ARG A 718 -12.22 -20.64 2.74
N ALA A 719 -12.46 -20.25 1.48
CA ALA A 719 -13.62 -19.42 1.17
C ALA A 719 -14.92 -20.15 1.49
N ASN A 720 -15.02 -21.43 1.14
CA ASN A 720 -16.21 -22.19 1.47
C ASN A 720 -16.38 -22.31 2.97
N GLU A 721 -15.28 -22.47 3.71
CA GLU A 721 -15.37 -22.55 5.16
C GLU A 721 -15.87 -21.25 5.78
N SER A 722 -15.39 -20.11 5.30
CA SER A 722 -15.57 -18.86 6.02
C SER A 722 -16.62 -17.92 5.42
N TYR A 723 -17.23 -18.27 4.28
CA TYR A 723 -18.15 -17.34 3.64
C TYR A 723 -19.37 -17.05 4.51
N ASP A 724 -20.00 -18.09 5.05
CA ASP A 724 -21.19 -17.90 5.86
C ASP A 724 -20.89 -17.09 7.11
N ASP A 725 -19.76 -17.38 7.77
CA ASP A 725 -19.38 -16.64 8.96
C ASP A 725 -19.13 -15.17 8.65
N GLU A 726 -18.43 -14.89 7.54
CA GLU A 726 -18.17 -13.50 7.18
C GLU A 726 -19.46 -12.75 6.85
N VAL A 727 -20.37 -13.41 6.12
CA VAL A 727 -21.64 -12.77 5.77
C VAL A 727 -22.45 -12.49 7.04
N LYS A 728 -22.48 -13.44 7.97
CA LYS A 728 -23.19 -13.23 9.22
C LYS A 728 -22.57 -12.10 10.02
N ALA A 729 -21.23 -12.02 10.05
CA ALA A 729 -20.56 -10.96 10.78
C ALA A 729 -20.87 -9.58 10.21
N ARG A 730 -20.89 -9.47 8.87
CA ARG A 730 -21.15 -8.18 8.26
C ARG A 730 -22.61 -7.77 8.32
N GLU A 731 -23.49 -8.65 8.78
CA GLU A 731 -24.93 -8.36 8.83
C GLU A 731 -25.21 -7.63 10.14
N ASN A 732 -25.34 -6.32 10.06
CA ASN A 732 -25.66 -5.46 11.20
C ASN A 732 -26.03 -4.08 10.65
N SER A 733 -26.19 -3.11 11.54
CA SER A 733 -26.59 -1.77 11.11
C SER A 733 -25.49 -1.09 10.32
N THR A 734 -24.25 -1.16 10.79
CA THR A 734 -23.16 -0.44 10.15
C THR A 734 -22.69 -1.10 8.85
N GLY A 735 -22.92 -2.39 8.69
CA GLY A 735 -22.49 -3.10 7.49
C GLY A 735 -21.07 -3.63 7.53
N VAL A 736 -20.36 -3.44 8.64
CA VAL A 736 -19.00 -3.96 8.79
C VAL A 736 -19.02 -4.98 9.92
N PRO A 737 -18.04 -5.89 9.96
CA PRO A 737 -18.04 -6.91 11.01
C PRO A 737 -17.97 -6.30 12.40
N ASN A 738 -18.63 -6.97 13.35
CA ASN A 738 -18.74 -6.45 14.70
C ASN A 738 -17.40 -6.56 15.44
N ASP A 739 -17.40 -6.09 16.68
CA ASP A 739 -16.18 -6.12 17.48
C ASP A 739 -15.77 -7.54 17.82
N GLN A 740 -16.73 -8.41 18.11
CA GLN A 740 -16.41 -9.79 18.45
C GLN A 740 -15.73 -10.51 17.28
N PHE A 741 -16.22 -10.29 16.06
CA PHE A 741 -15.60 -10.90 14.89
C PHE A 741 -14.19 -10.38 14.67
N LEU A 742 -13.97 -9.08 14.89
CA LEU A 742 -12.66 -8.48 14.71
C LEU A 742 -11.72 -8.75 15.87
N ASN A 743 -12.21 -9.38 16.94
CA ASN A 743 -11.41 -9.73 18.12
C ASN A 743 -10.84 -8.48 18.81
N VAL A 744 -11.58 -7.38 18.75
CA VAL A 744 -11.13 -6.19 19.49
C VAL A 744 -11.22 -6.46 20.99
N PRO A 745 -10.26 -6.01 21.79
CA PRO A 745 -10.22 -6.39 23.20
C PRO A 745 -11.18 -5.55 24.03
N GLN A 746 -12.25 -6.17 24.51
CA GLN A 746 -13.07 -5.55 25.53
C GLN A 746 -12.31 -5.53 26.85
N SER A 747 -12.46 -4.42 27.59
CA SER A 747 -11.75 -4.18 28.85
C SER A 747 -10.27 -3.91 28.60
N THR A 748 -9.71 -2.97 29.35
CA THR A 748 -8.33 -2.56 29.13
C THR A 748 -7.35 -3.67 29.49
N ALA A 749 -6.25 -3.74 28.74
CA ALA A 749 -5.19 -4.70 28.99
C ALA A 749 -3.98 -4.01 29.59
N ASP A 750 -3.30 -4.72 30.48
CA ASP A 750 -2.14 -4.15 31.16
C ASP A 750 -1.01 -3.86 30.19
N VAL A 751 -0.35 -2.72 30.38
CA VAL A 751 0.87 -2.45 29.61
C VAL A 751 1.94 -3.47 30.00
N PRO A 752 2.59 -4.13 29.03
CA PRO A 752 3.47 -5.26 29.37
C PRO A 752 4.56 -4.94 30.37
N THR A 753 5.44 -3.99 30.05
CA THR A 753 6.62 -3.69 30.85
C THR A 753 7.49 -4.94 31.02
N ALA A 754 8.56 -4.83 31.80
CA ALA A 754 9.35 -6.01 32.11
C ALA A 754 8.65 -6.85 33.18
N ASP A 755 9.22 -8.02 33.44
CA ASP A 755 8.81 -8.95 34.50
C ASP A 755 7.48 -9.65 34.18
N HIS A 756 6.80 -9.23 33.10
CA HIS A 756 5.56 -9.88 32.69
C HIS A 756 5.13 -9.34 31.33
N PRO A 757 4.51 -10.19 30.48
CA PRO A 757 4.02 -9.77 29.16
C PRO A 757 2.89 -8.75 29.25
N ALA B 39 -33.70 24.52 6.01
CA ALA B 39 -34.57 24.16 4.90
C ALA B 39 -33.91 24.50 3.56
N ASP B 40 -33.26 25.66 3.51
CA ASP B 40 -32.56 26.06 2.29
C ASP B 40 -31.41 25.12 1.98
N GLU B 41 -30.65 24.70 3.00
CA GLU B 41 -29.58 23.75 2.79
C GLU B 41 -30.10 22.42 2.27
N ALA B 42 -31.24 21.96 2.81
CA ALA B 42 -31.85 20.73 2.32
C ALA B 42 -32.27 20.86 0.87
N LEU B 43 -32.83 22.03 0.50
CA LEU B 43 -33.21 22.25 -0.89
C LEU B 43 -31.99 22.26 -1.80
N ILE B 44 -30.88 22.87 -1.35
CA ILE B 44 -29.66 22.88 -2.14
C ILE B 44 -29.13 21.46 -2.34
N LYS B 45 -29.14 20.65 -1.27
CA LYS B 45 -28.68 19.27 -1.38
C LYS B 45 -29.56 18.46 -2.32
N ARG B 46 -30.89 18.65 -2.24
CA ARG B 46 -31.80 17.95 -3.12
C ARG B 46 -31.58 18.35 -4.57
N GLY B 47 -31.36 19.65 -4.81
CA GLY B 47 -31.08 20.10 -6.16
C GLY B 47 -29.77 19.54 -6.69
N GLU B 48 -28.75 19.45 -5.83
CA GLU B 48 -27.50 18.82 -6.23
C GLU B 48 -27.72 17.37 -6.60
N TYR B 49 -28.53 16.65 -5.81
CA TYR B 49 -28.82 15.26 -6.13
C TYR B 49 -29.54 15.13 -7.46
N VAL B 50 -30.50 16.01 -7.73
CA VAL B 50 -31.23 15.94 -8.99
C VAL B 50 -30.30 16.27 -10.15
N ALA B 51 -29.39 17.24 -9.96
CA ALA B 51 -28.44 17.59 -11.01
C ALA B 51 -27.51 16.43 -11.32
N ARG B 52 -27.02 15.74 -10.28
CA ARG B 52 -26.23 14.54 -10.52
C ARG B 52 -27.07 13.44 -11.17
N LEU B 53 -28.35 13.38 -10.83
CA LEU B 53 -29.25 12.40 -11.42
C LEU B 53 -29.47 12.65 -12.90
N SER B 54 -29.41 13.91 -13.33
CA SER B 54 -29.61 14.28 -14.72
C SER B 54 -28.31 14.39 -15.50
N ASP B 55 -27.17 14.13 -14.87
CA ASP B 55 -25.87 14.13 -15.54
C ASP B 55 -25.55 15.48 -16.18
N CYS B 56 -25.87 16.57 -15.48
CA CYS B 56 -25.60 17.89 -16.04
C CYS B 56 -24.10 18.18 -16.09
N ILE B 57 -23.37 17.76 -15.07
CA ILE B 57 -21.96 18.14 -14.95
C ILE B 57 -21.10 17.44 -15.99
N ALA B 58 -21.51 16.27 -16.46
CA ALA B 58 -20.65 15.49 -17.36
C ALA B 58 -20.42 16.21 -18.68
N CYS B 59 -21.49 16.73 -19.28
CA CYS B 59 -21.41 17.34 -20.60
C CYS B 59 -21.44 18.86 -20.56
N HIS B 60 -21.50 19.47 -19.38
CA HIS B 60 -21.43 20.92 -19.25
C HIS B 60 -20.10 21.38 -18.66
N THR B 61 -19.09 20.51 -18.67
CA THR B 61 -17.74 20.86 -18.25
C THR B 61 -16.77 20.43 -19.32
N ALA B 62 -15.93 21.36 -19.78
CA ALA B 62 -14.85 21.01 -20.69
C ALA B 62 -13.78 20.20 -19.95
N LEU B 63 -13.01 19.44 -20.72
CA LEU B 63 -11.94 18.65 -20.14
C LEU B 63 -10.94 19.56 -19.42
N HIS B 64 -10.68 19.26 -18.16
CA HIS B 64 -9.83 20.10 -17.30
C HIS B 64 -10.34 21.53 -17.26
N GLY B 65 -11.63 21.67 -16.95
CA GLY B 65 -12.27 22.96 -16.89
C GLY B 65 -13.05 23.13 -15.60
N GLN B 66 -13.48 24.36 -15.37
CA GLN B 66 -14.25 24.66 -14.17
C GLN B 66 -15.61 23.96 -14.23
N PRO B 67 -16.13 23.48 -13.10
CA PRO B 67 -17.42 22.78 -13.11
C PRO B 67 -18.54 23.69 -13.59
N TYR B 68 -19.43 23.12 -14.40
CA TYR B 68 -20.61 23.78 -14.96
C TYR B 68 -20.25 25.05 -15.74
N ALA B 69 -19.00 25.16 -16.18
CA ALA B 69 -18.55 26.32 -16.95
C ALA B 69 -18.63 26.10 -18.46
N GLY B 70 -19.14 24.96 -18.90
CA GLY B 70 -19.33 24.75 -20.33
C GLY B 70 -18.02 24.61 -21.09
N GLY B 71 -18.11 24.86 -22.39
CA GLY B 71 -16.96 24.80 -23.25
C GLY B 71 -16.58 23.42 -23.75
N LEU B 72 -17.46 22.44 -23.62
CA LEU B 72 -17.18 21.09 -24.08
C LEU B 72 -17.57 20.94 -25.54
N GLU B 73 -16.70 20.30 -26.32
CA GLU B 73 -16.94 20.08 -27.73
C GLU B 73 -17.87 18.88 -27.92
N ILE B 74 -19.03 19.11 -28.52
CA ILE B 74 -19.99 18.05 -28.82
C ILE B 74 -20.12 17.95 -30.33
N LYS B 75 -19.79 16.78 -30.87
CA LYS B 75 -19.86 16.59 -32.31
C LYS B 75 -21.31 16.48 -32.77
N SER B 76 -21.60 17.05 -33.93
CA SER B 76 -22.91 17.02 -34.53
C SER B 76 -22.78 16.71 -36.01
N PRO B 77 -23.80 16.10 -36.62
CA PRO B 77 -23.75 15.87 -38.07
C PRO B 77 -23.65 17.14 -38.88
N ILE B 78 -24.07 18.28 -38.34
CA ILE B 78 -23.95 19.56 -39.03
C ILE B 78 -22.61 20.22 -38.74
N GLY B 79 -22.21 20.27 -37.46
CA GLY B 79 -20.95 20.88 -37.07
C GLY B 79 -20.52 20.47 -35.69
N THR B 80 -19.99 21.41 -34.91
CA THR B 80 -19.60 21.16 -33.53
C THR B 80 -20.25 22.20 -32.63
N ILE B 81 -20.89 21.74 -31.57
CA ILE B 81 -21.55 22.61 -30.61
C ILE B 81 -20.69 22.67 -29.36
N TYR B 82 -20.94 23.69 -28.54
CA TYR B 82 -20.23 23.87 -27.29
C TYR B 82 -21.22 24.00 -26.14
N SER B 83 -20.92 23.35 -25.03
CA SER B 83 -21.79 23.43 -23.87
C SER B 83 -21.77 24.84 -23.29
N THR B 84 -22.96 25.37 -23.04
CA THR B 84 -23.07 26.67 -22.39
C THR B 84 -22.73 26.56 -20.91
N ASN B 85 -22.11 27.60 -20.38
CA ASN B 85 -21.88 27.64 -18.94
C ASN B 85 -23.18 27.93 -18.21
N ILE B 86 -23.47 27.14 -17.18
CA ILE B 86 -24.70 27.27 -16.43
C ILE B 86 -24.43 27.70 -14.98
N THR B 87 -23.28 28.33 -14.75
CA THR B 87 -22.99 28.90 -13.45
C THR B 87 -23.89 30.10 -13.20
N PRO B 88 -24.06 30.50 -11.93
CA PRO B 88 -24.96 31.63 -11.63
C PRO B 88 -24.36 32.99 -12.00
N ASP B 89 -23.32 32.99 -12.82
CA ASP B 89 -22.76 34.23 -13.31
C ASP B 89 -23.84 35.03 -14.05
N PRO B 90 -24.04 36.31 -13.71
CA PRO B 90 -25.14 37.07 -14.32
C PRO B 90 -24.91 37.48 -15.76
N GLU B 91 -23.69 37.35 -16.29
CA GLU B 91 -23.39 37.78 -17.64
C GLU B 91 -23.12 36.58 -18.55
N HIS B 92 -22.17 35.72 -18.19
CA HIS B 92 -21.89 34.54 -19.01
C HIS B 92 -22.91 33.44 -18.77
N GLY B 93 -23.15 33.10 -17.49
CA GLY B 93 -24.00 31.98 -17.14
C GLY B 93 -25.48 32.32 -17.15
N ILE B 94 -26.21 31.65 -16.26
CA ILE B 94 -27.66 31.77 -16.19
C ILE B 94 -28.06 32.56 -14.95
N GLY B 95 -27.18 33.47 -14.52
CA GLY B 95 -27.46 34.24 -13.32
C GLY B 95 -28.72 35.06 -13.40
N ASN B 96 -29.07 35.54 -14.59
CA ASN B 96 -30.29 36.31 -14.79
C ASN B 96 -31.50 35.44 -15.10
N TYR B 97 -31.33 34.12 -15.14
CA TYR B 97 -32.45 33.23 -15.40
C TYR B 97 -33.37 33.18 -14.19
N THR B 98 -34.67 33.34 -14.43
CA THR B 98 -35.65 33.12 -13.39
C THR B 98 -36.03 31.64 -13.36
N LEU B 99 -36.95 31.29 -12.45
CA LEU B 99 -37.45 29.92 -12.42
C LEU B 99 -38.19 29.58 -13.71
N GLU B 100 -38.97 30.51 -14.23
CA GLU B 100 -39.72 30.27 -15.46
C GLU B 100 -38.77 30.07 -16.64
N ASP B 101 -37.70 30.88 -16.71
CA ASP B 101 -36.72 30.71 -17.77
C ASP B 101 -36.03 29.36 -17.68
N PHE B 102 -35.70 28.93 -16.47
CA PHE B 102 -35.08 27.62 -16.26
C PHE B 102 -36.02 26.51 -16.73
N THR B 103 -37.30 26.61 -16.35
CA THR B 103 -38.27 25.61 -16.74
C THR B 103 -38.44 25.56 -18.26
N LYS B 104 -38.51 26.74 -18.90
CA LYS B 104 -38.65 26.78 -20.35
C LYS B 104 -37.44 26.19 -21.04
N ALA B 105 -36.24 26.48 -20.54
CA ALA B 105 -35.03 25.93 -21.15
C ALA B 105 -34.97 24.41 -20.99
N LEU B 106 -35.34 23.90 -19.82
CA LEU B 106 -35.24 22.46 -19.59
C LEU B 106 -36.34 21.68 -20.31
N ARG B 107 -37.57 22.16 -20.27
CA ARG B 107 -38.71 21.41 -20.78
C ARG B 107 -38.96 21.63 -22.27
N LYS B 108 -38.60 22.80 -22.80
CA LYS B 108 -38.88 23.12 -24.19
C LYS B 108 -37.64 23.51 -24.98
N GLY B 109 -36.47 23.59 -24.35
CA GLY B 109 -35.26 23.97 -25.06
C GLY B 109 -35.26 25.37 -25.61
N ILE B 110 -35.81 26.32 -24.87
CA ILE B 110 -35.87 27.72 -25.28
C ILE B 110 -35.02 28.53 -24.31
N ARG B 111 -34.03 29.25 -24.84
CA ARG B 111 -33.15 30.05 -24.00
C ARG B 111 -33.87 31.31 -23.53
N LYS B 112 -33.20 32.06 -22.64
CA LYS B 112 -33.73 33.35 -22.22
C LYS B 112 -33.86 34.31 -23.39
N ASP B 113 -33.00 34.15 -24.41
CA ASP B 113 -33.13 34.94 -25.62
C ASP B 113 -34.47 34.68 -26.29
N GLY B 114 -34.87 33.41 -26.35
CA GLY B 114 -36.07 33.01 -27.06
C GLY B 114 -35.83 32.04 -28.19
N ALA B 115 -34.58 31.87 -28.63
CA ALA B 115 -34.25 30.90 -29.66
C ALA B 115 -34.26 29.48 -29.06
N THR B 116 -34.31 28.50 -29.95
CA THR B 116 -34.37 27.10 -29.55
C THR B 116 -32.96 26.51 -29.52
N VAL B 117 -32.66 25.76 -28.47
CA VAL B 117 -31.37 25.10 -28.37
C VAL B 117 -31.30 23.92 -29.32
N TYR B 118 -30.09 23.46 -29.58
CA TYR B 118 -29.90 22.28 -30.41
C TYR B 118 -30.39 21.03 -29.66
N PRO B 119 -30.78 19.98 -30.40
CA PRO B 119 -31.21 18.74 -29.74
C PRO B 119 -30.11 18.07 -28.94
N ALA B 120 -28.89 18.64 -28.96
CA ALA B 120 -27.84 18.18 -28.06
C ALA B 120 -28.28 18.30 -26.62
N MET B 121 -29.07 19.31 -26.29
CA MET B 121 -29.75 19.35 -25.01
C MET B 121 -30.82 18.25 -24.97
N PRO B 122 -30.80 17.38 -23.97
CA PRO B 122 -31.82 16.34 -23.84
C PRO B 122 -33.15 16.87 -23.31
N TYR B 123 -33.61 17.99 -23.86
CA TYR B 123 -34.87 18.58 -23.47
C TYR B 123 -36.08 17.71 -23.84
N PRO B 124 -36.04 16.89 -24.90
CA PRO B 124 -37.12 15.91 -25.06
C PRO B 124 -37.27 14.97 -23.86
N GLU B 125 -36.17 14.63 -23.21
CA GLU B 125 -36.23 13.82 -22.00
C GLU B 125 -36.43 14.67 -20.75
N PHE B 126 -35.83 15.86 -20.70
CA PHE B 126 -36.00 16.74 -19.55
C PHE B 126 -37.39 17.35 -19.46
N ALA B 127 -38.20 17.23 -20.51
CA ALA B 127 -39.57 17.70 -20.45
C ALA B 127 -40.41 16.90 -19.47
N ARG B 128 -39.93 15.75 -19.01
CA ARG B 128 -40.63 14.93 -18.03
C ARG B 128 -40.26 15.28 -16.60
N LEU B 129 -39.34 16.23 -16.40
CA LEU B 129 -38.92 16.59 -15.05
C LEU B 129 -40.08 17.21 -14.27
N SER B 130 -40.25 16.76 -13.04
CA SER B 130 -41.32 17.27 -12.19
C SER B 130 -41.02 18.70 -11.76
N ASP B 131 -42.06 19.39 -11.30
CA ASP B 131 -41.90 20.78 -10.86
C ASP B 131 -40.99 20.88 -9.66
N ASP B 132 -41.11 19.96 -8.71
CA ASP B 132 -40.27 19.99 -7.52
C ASP B 132 -38.80 19.77 -7.88
N ASP B 133 -38.53 18.83 -8.79
CA ASP B 133 -37.15 18.59 -9.22
C ASP B 133 -36.57 19.81 -9.91
N ILE B 134 -37.35 20.46 -10.77
CA ILE B 134 -36.89 21.66 -11.45
C ILE B 134 -36.62 22.78 -10.46
N ARG B 135 -37.49 22.94 -9.47
CA ARG B 135 -37.28 23.97 -8.45
C ARG B 135 -36.01 23.71 -7.65
N ALA B 136 -35.80 22.45 -7.25
CA ALA B 136 -34.59 22.11 -6.50
C ALA B 136 -33.34 22.36 -7.33
N MET B 137 -33.37 21.96 -8.60
CA MET B 137 -32.21 22.18 -9.47
C MET B 137 -31.96 23.68 -9.68
N TYR B 138 -33.03 24.47 -9.80
CA TYR B 138 -32.87 25.90 -9.93
C TYR B 138 -32.21 26.49 -8.69
N ALA B 139 -32.65 26.07 -7.50
CA ALA B 139 -32.02 26.54 -6.27
C ALA B 139 -30.55 26.15 -6.22
N PHE B 140 -30.24 24.90 -6.60
CA PHE B 140 -28.86 24.45 -6.58
C PHE B 140 -27.99 25.25 -7.56
N PHE B 141 -28.51 25.52 -8.76
CA PHE B 141 -27.73 26.22 -9.76
C PHE B 141 -27.59 27.70 -9.44
N MET B 142 -28.55 28.29 -8.73
CA MET B 142 -28.43 29.69 -8.34
C MET B 142 -27.63 29.89 -7.07
N HIS B 143 -27.48 28.87 -6.24
CA HIS B 143 -26.75 29.08 -5.00
C HIS B 143 -25.62 28.08 -4.76
N GLY B 144 -25.79 26.82 -5.17
CA GLY B 144 -24.79 25.81 -4.88
C GLY B 144 -23.65 25.72 -5.87
N VAL B 145 -23.67 26.49 -6.95
CA VAL B 145 -22.64 26.43 -7.99
C VAL B 145 -21.81 27.71 -7.94
N LYS B 146 -20.50 27.55 -8.06
CA LYS B 146 -19.60 28.71 -8.05
C LYS B 146 -19.66 29.43 -9.39
N PRO B 147 -19.93 30.73 -9.41
CA PRO B 147 -20.06 31.45 -10.69
C PRO B 147 -18.72 31.63 -11.40
N VAL B 148 -18.61 31.06 -12.61
CA VAL B 148 -17.43 31.19 -13.43
C VAL B 148 -17.76 32.16 -14.56
N ALA B 149 -16.73 32.83 -15.08
CA ALA B 149 -16.93 33.90 -16.05
C ALA B 149 -16.34 33.55 -17.41
N LEU B 150 -16.60 32.33 -17.88
CA LEU B 150 -16.13 31.89 -19.19
C LEU B 150 -17.18 32.23 -20.25
N GLN B 151 -16.72 32.80 -21.36
CA GLN B 151 -17.63 33.19 -22.43
C GLN B 151 -18.00 31.99 -23.29
N ASN B 152 -19.29 31.89 -23.62
CA ASN B 152 -19.79 30.77 -24.40
C ASN B 152 -19.19 30.80 -25.81
N LYS B 153 -18.53 29.72 -26.19
CA LYS B 153 -17.98 29.63 -27.53
C LYS B 153 -19.09 29.43 -28.56
N ALA B 154 -19.02 30.19 -29.64
CA ALA B 154 -20.01 30.07 -30.70
C ALA B 154 -19.81 28.77 -31.47
N PRO B 155 -20.89 28.17 -31.97
CA PRO B 155 -20.75 26.96 -32.77
C PRO B 155 -20.07 27.25 -34.12
N ASP B 156 -19.12 26.40 -34.48
CA ASP B 156 -18.39 26.55 -35.74
C ASP B 156 -19.17 25.87 -36.87
N ILE B 157 -20.31 26.47 -37.19
CA ILE B 157 -21.19 26.00 -38.25
C ILE B 157 -21.33 27.11 -39.28
N SER B 158 -21.27 26.74 -40.56
CA SER B 158 -21.40 27.70 -41.63
C SER B 158 -22.75 28.43 -41.53
N TRP B 159 -22.75 29.70 -41.94
CA TRP B 159 -23.91 30.57 -41.76
C TRP B 159 -25.21 30.00 -42.31
N PRO B 160 -25.28 29.45 -43.53
CA PRO B 160 -26.58 28.91 -44.00
C PRO B 160 -27.13 27.82 -43.11
N LEU B 161 -26.28 26.99 -42.51
CA LEU B 161 -26.71 25.93 -41.62
C LEU B 161 -26.68 26.33 -40.15
N SER B 162 -26.25 27.56 -39.84
CA SER B 162 -26.15 28.01 -38.46
C SER B 162 -27.38 28.79 -38.00
N MET B 163 -28.40 28.91 -38.84
CA MET B 163 -29.61 29.61 -38.45
C MET B 163 -30.33 28.83 -37.34
N ARG B 164 -30.87 29.57 -36.37
CA ARG B 164 -31.49 28.96 -35.21
C ARG B 164 -33.00 28.80 -35.34
N TRP B 165 -33.63 29.46 -36.31
CA TRP B 165 -35.07 29.33 -36.47
C TRP B 165 -35.54 27.91 -36.78
N PRO B 166 -34.87 27.11 -37.62
CA PRO B 166 -35.40 25.76 -37.90
C PRO B 166 -35.40 24.84 -36.69
N LEU B 167 -34.66 25.17 -35.64
CA LEU B 167 -34.56 24.29 -34.48
C LEU B 167 -35.92 24.14 -33.79
N GLY B 168 -36.69 25.22 -33.71
CA GLY B 168 -38.02 25.12 -33.12
C GLY B 168 -38.94 24.22 -33.94
N MET B 169 -38.83 24.28 -35.26
CA MET B 169 -39.61 23.39 -36.12
C MET B 169 -39.24 21.93 -35.88
N TRP B 170 -37.97 21.66 -35.58
CA TRP B 170 -37.57 20.29 -35.23
C TRP B 170 -38.29 19.81 -33.98
N ARG B 171 -38.36 20.66 -32.95
CA ARG B 171 -39.08 20.29 -31.74
C ARG B 171 -40.56 20.09 -32.03
N ALA B 172 -41.15 20.94 -32.85
CA ALA B 172 -42.57 20.79 -33.19
C ALA B 172 -42.83 19.48 -33.94
N MET B 173 -41.91 19.11 -34.84
CA MET B 173 -42.14 17.94 -35.68
C MET B 173 -41.86 16.63 -34.94
N PHE B 174 -40.79 16.58 -34.15
CA PHE B 174 -40.31 15.31 -33.62
C PHE B 174 -40.44 15.15 -32.12
N VAL B 175 -40.75 16.21 -31.37
CA VAL B 175 -40.86 16.10 -29.92
C VAL B 175 -42.31 16.30 -29.50
N PRO B 176 -43.02 15.24 -29.12
CA PRO B 176 -44.41 15.40 -28.67
C PRO B 176 -44.48 15.97 -27.26
N SER B 177 -45.66 16.48 -26.92
CA SER B 177 -45.88 17.01 -25.59
C SER B 177 -45.87 15.89 -24.55
N MET B 178 -45.21 16.14 -23.42
CA MET B 178 -45.06 15.16 -22.37
C MET B 178 -45.53 15.74 -21.05
N THR B 179 -46.24 14.93 -20.27
CA THR B 179 -46.69 15.35 -18.95
C THR B 179 -45.52 15.32 -17.97
N PRO B 180 -45.18 16.43 -17.32
CA PRO B 180 -44.03 16.43 -16.40
C PRO B 180 -44.35 15.65 -15.13
N GLY B 181 -43.49 14.70 -14.81
CA GLY B 181 -43.60 13.93 -13.59
C GLY B 181 -43.74 12.45 -13.86
N VAL B 182 -44.03 11.71 -12.78
CA VAL B 182 -44.20 10.27 -12.88
C VAL B 182 -45.48 9.96 -13.65
N ASP B 183 -45.37 9.01 -14.60
CA ASP B 183 -46.54 8.59 -15.37
C ASP B 183 -47.58 7.96 -14.46
N LYS B 184 -48.80 8.48 -14.51
CA LYS B 184 -49.88 7.98 -13.66
C LYS B 184 -50.62 6.82 -14.32
N SER B 185 -49.86 5.84 -14.79
CA SER B 185 -50.44 4.62 -15.34
C SER B 185 -49.77 3.34 -14.86
N ILE B 186 -48.52 3.41 -14.37
CA ILE B 186 -47.84 2.22 -13.85
C ILE B 186 -48.28 2.01 -12.41
N SER B 187 -48.89 0.86 -12.14
CA SER B 187 -49.41 0.58 -10.80
C SER B 187 -48.28 0.47 -9.79
N ASP B 188 -47.19 -0.17 -10.14
CA ASP B 188 -46.09 -0.37 -9.21
C ASP B 188 -45.34 0.95 -9.01
N PRO B 189 -45.26 1.48 -7.78
CA PRO B 189 -44.52 2.73 -7.57
C PRO B 189 -43.05 2.63 -7.93
N GLU B 190 -42.43 1.48 -7.68
CA GLU B 190 -41.00 1.32 -8.00
C GLU B 190 -40.78 1.33 -9.51
N VAL B 191 -41.63 0.62 -10.25
CA VAL B 191 -41.50 0.62 -11.71
C VAL B 191 -41.78 2.00 -12.28
N ALA B 192 -42.74 2.72 -11.70
CA ALA B 192 -43.03 4.08 -12.13
C ALA B 192 -41.85 5.00 -11.89
N ARG B 193 -41.21 4.89 -10.72
CA ARG B 193 -40.04 5.71 -10.43
C ARG B 193 -38.89 5.36 -11.37
N GLY B 194 -38.69 4.08 -11.65
CA GLY B 194 -37.65 3.70 -12.60
C GLY B 194 -37.91 4.22 -13.99
N GLU B 195 -39.17 4.16 -14.45
CA GLU B 195 -39.52 4.71 -15.75
C GLU B 195 -39.30 6.21 -15.81
N TYR B 196 -39.66 6.92 -14.74
CA TYR B 196 -39.41 8.35 -14.68
C TYR B 196 -37.92 8.64 -14.75
N LEU B 197 -37.11 7.86 -14.03
CA LEU B 197 -35.67 8.06 -14.06
C LEU B 197 -35.10 7.81 -15.45
N VAL B 198 -35.56 6.75 -16.12
CA VAL B 198 -35.01 6.39 -17.42
C VAL B 198 -35.42 7.40 -18.48
N ASN B 199 -36.67 7.86 -18.45
CA ASN B 199 -37.19 8.78 -19.46
C ASN B 199 -37.16 10.24 -19.01
N GLY B 200 -36.68 10.53 -17.81
CA GLY B 200 -36.69 11.88 -17.29
C GLY B 200 -35.31 12.45 -17.07
N PRO B 201 -34.89 12.54 -15.80
CA PRO B 201 -33.56 13.11 -15.49
C PRO B 201 -32.45 12.35 -16.19
N GLY B 202 -32.35 11.05 -15.91
CA GLY B 202 -31.52 10.20 -16.74
C GLY B 202 -32.13 10.06 -18.12
N HIS B 203 -31.29 10.13 -19.15
CA HIS B 203 -31.74 10.07 -20.53
C HIS B 203 -30.99 8.95 -21.22
N CYS B 204 -31.49 7.72 -21.05
CA CYS B 204 -30.82 6.58 -21.66
C CYS B 204 -31.11 6.49 -23.15
N GLY B 205 -32.33 6.82 -23.56
CA GLY B 205 -32.70 6.77 -24.97
C GLY B 205 -31.89 7.70 -25.84
N GLU B 206 -31.22 8.69 -25.24
CA GLU B 206 -30.34 9.55 -26.02
C GLU B 206 -29.20 8.76 -26.63
N CYS B 207 -28.76 7.69 -25.97
CA CYS B 207 -27.69 6.85 -26.49
C CYS B 207 -28.13 5.44 -26.87
N HIS B 208 -29.09 4.87 -26.15
CA HIS B 208 -29.45 3.47 -26.33
C HIS B 208 -30.62 3.26 -27.29
N THR B 209 -31.17 4.32 -27.86
CA THR B 209 -32.31 4.19 -28.76
C THR B 209 -31.92 4.63 -30.17
N PRO B 210 -32.23 3.84 -31.19
CA PRO B 210 -31.86 4.22 -32.56
C PRO B 210 -32.57 5.50 -32.98
N ARG B 211 -31.88 6.29 -33.80
CA ARG B 211 -32.39 7.55 -34.29
C ARG B 211 -32.90 7.39 -35.72
N GLY B 212 -33.97 8.11 -36.05
CA GLY B 212 -34.60 8.02 -37.35
C GLY B 212 -33.96 8.94 -38.37
N PHE B 213 -34.73 9.22 -39.43
CA PHE B 213 -34.22 10.07 -40.51
C PHE B 213 -33.99 11.50 -40.05
N GLY B 214 -34.78 11.98 -39.10
CA GLY B 214 -34.63 13.33 -38.59
C GLY B 214 -33.67 13.41 -37.43
N MET B 215 -32.86 12.37 -37.24
CA MET B 215 -31.94 12.26 -36.11
C MET B 215 -32.68 12.38 -34.79
N GLN B 216 -33.88 11.81 -34.74
CA GLN B 216 -34.69 11.77 -33.54
C GLN B 216 -34.93 10.31 -33.15
N VAL B 217 -35.07 10.06 -31.85
CA VAL B 217 -35.27 8.71 -31.36
C VAL B 217 -36.60 8.18 -31.86
N LYS B 218 -36.58 6.96 -32.39
CA LYS B 218 -37.78 6.37 -32.98
C LYS B 218 -38.82 5.99 -31.93
N ALA B 219 -38.47 6.02 -30.65
CA ALA B 219 -39.43 5.72 -29.59
C ALA B 219 -39.00 6.44 -28.32
N TYR B 220 -39.92 7.20 -27.74
CA TYR B 220 -39.68 7.89 -26.47
C TYR B 220 -40.12 7.06 -25.27
N GLY B 221 -40.69 5.88 -25.49
CA GLY B 221 -41.13 5.04 -24.39
C GLY B 221 -41.37 3.64 -24.89
N THR B 222 -41.70 2.76 -23.95
CA THR B 222 -41.92 1.35 -24.28
C THR B 222 -43.16 1.15 -25.14
N ALA B 223 -44.06 2.13 -25.19
CA ALA B 223 -45.21 2.06 -26.07
C ALA B 223 -44.87 2.38 -27.51
N GLY B 224 -43.68 2.93 -27.77
CA GLY B 224 -43.29 3.20 -29.15
C GLY B 224 -43.11 1.95 -29.98
N GLY B 225 -42.59 0.90 -29.37
CA GLY B 225 -42.39 -0.37 -30.06
C GLY B 225 -41.11 -1.02 -29.62
N ASN B 226 -40.64 -1.95 -30.44
CA ASN B 226 -39.39 -2.66 -30.16
C ASN B 226 -38.16 -1.80 -30.34
N ALA B 227 -38.29 -0.62 -30.93
CA ALA B 227 -37.15 0.25 -31.16
C ALA B 227 -36.72 1.01 -29.92
N TYR B 228 -37.52 0.98 -28.85
CA TYR B 228 -37.18 1.70 -27.63
C TYR B 228 -36.01 1.00 -26.93
N LEU B 229 -34.93 1.75 -26.69
CA LEU B 229 -33.73 1.24 -26.01
C LEU B 229 -33.19 -0.03 -26.68
N ALA B 230 -33.16 -0.02 -28.01
CA ALA B 230 -32.74 -1.17 -28.79
C ALA B 230 -31.39 -0.95 -29.47
N GLY B 231 -30.45 -0.32 -28.78
CA GLY B 231 -29.16 -0.01 -29.33
C GLY B 231 -29.13 1.35 -30.00
N GLY B 232 -27.94 1.73 -30.46
CA GLY B 232 -27.81 3.04 -31.08
C GLY B 232 -26.60 3.12 -31.98
N ALA B 233 -26.58 4.20 -32.76
CA ALA B 233 -25.45 4.48 -33.64
C ALA B 233 -24.23 4.87 -32.80
N PRO B 234 -23.02 4.71 -33.35
CA PRO B 234 -21.82 5.08 -32.59
C PRO B 234 -21.79 6.57 -32.29
N ILE B 235 -21.76 6.88 -31.00
CA ILE B 235 -21.60 8.25 -30.51
C ILE B 235 -20.22 8.38 -29.91
N ASP B 236 -19.40 9.28 -30.47
CA ASP B 236 -18.01 9.42 -30.07
C ASP B 236 -17.26 8.09 -30.20
N ASN B 237 -17.57 7.35 -31.26
CA ASN B 237 -17.00 6.03 -31.55
C ASN B 237 -17.37 4.99 -30.50
N TRP B 238 -18.38 5.26 -29.69
CA TRP B 238 -18.89 4.31 -28.71
C TRP B 238 -20.34 3.98 -29.05
N ILE B 239 -20.70 2.71 -28.87
CA ILE B 239 -22.03 2.21 -29.21
C ILE B 239 -22.72 1.75 -27.94
N ALA B 240 -23.91 2.29 -27.68
CA ALA B 240 -24.72 1.85 -26.56
C ALA B 240 -25.61 0.70 -27.02
N PRO B 241 -25.46 -0.50 -26.47
CA PRO B 241 -26.21 -1.65 -26.96
C PRO B 241 -27.65 -1.62 -26.47
N SER B 242 -28.38 -2.67 -26.83
CA SER B 242 -29.80 -2.76 -26.45
C SER B 242 -29.96 -2.95 -24.95
N LEU B 243 -30.96 -2.28 -24.39
CA LEU B 243 -31.35 -2.47 -23.00
C LEU B 243 -32.60 -3.33 -22.88
N ARG B 244 -33.02 -3.98 -23.96
CA ARG B 244 -34.24 -4.76 -23.98
C ARG B 244 -33.96 -6.19 -23.48
N SER B 245 -34.92 -7.08 -23.66
CA SER B 245 -34.90 -8.40 -23.04
C SER B 245 -34.23 -9.47 -23.90
N ASN B 246 -33.75 -9.14 -25.10
CA ASN B 246 -33.08 -10.14 -25.90
C ASN B 246 -31.77 -10.56 -25.25
N SER B 247 -31.50 -11.86 -25.23
CA SER B 247 -30.39 -12.39 -24.46
C SER B 247 -29.04 -12.13 -25.12
N ASP B 248 -28.98 -12.14 -26.45
CA ASP B 248 -27.70 -12.03 -27.13
C ASP B 248 -27.09 -10.64 -26.98
N THR B 249 -27.90 -9.59 -27.13
CA THR B 249 -27.40 -8.23 -27.11
C THR B 249 -27.96 -7.36 -26.00
N GLY B 250 -29.16 -7.67 -25.50
CA GLY B 250 -29.77 -6.89 -24.44
C GLY B 250 -29.46 -7.43 -23.07
N LEU B 251 -30.35 -7.10 -22.12
CA LEU B 251 -30.20 -7.50 -20.73
C LEU B 251 -30.99 -8.77 -20.40
N GLY B 252 -31.14 -9.67 -21.37
CA GLY B 252 -31.88 -10.89 -21.11
C GLY B 252 -31.22 -11.79 -20.10
N ARG B 253 -29.89 -11.88 -20.15
CA ARG B 253 -29.12 -12.66 -19.19
C ARG B 253 -28.67 -11.84 -17.99
N TRP B 254 -29.09 -10.58 -17.90
CA TRP B 254 -28.76 -9.74 -16.77
C TRP B 254 -29.83 -9.86 -15.70
N SER B 255 -29.41 -9.94 -14.44
CA SER B 255 -30.32 -9.91 -13.32
C SER B 255 -30.51 -8.48 -12.83
N GLU B 256 -31.54 -8.30 -11.99
CA GLU B 256 -31.81 -6.97 -11.44
C GLU B 256 -30.66 -6.50 -10.55
N ASP B 257 -30.14 -7.40 -9.70
CA ASP B 257 -28.97 -7.07 -8.90
C ASP B 257 -27.75 -6.80 -9.77
N ASP B 258 -27.63 -7.51 -10.89
CA ASP B 258 -26.55 -7.25 -11.83
C ASP B 258 -26.63 -5.81 -12.34
N ILE B 259 -27.83 -5.37 -12.73
CA ILE B 259 -28.01 -4.01 -13.22
C ILE B 259 -27.69 -3.01 -12.12
N VAL B 260 -28.15 -3.26 -10.90
CA VAL B 260 -27.91 -2.34 -9.80
C VAL B 260 -26.42 -2.18 -9.54
N THR B 261 -25.70 -3.32 -9.47
CA THR B 261 -24.27 -3.26 -9.18
C THR B 261 -23.49 -2.63 -10.34
N PHE B 262 -23.87 -2.96 -11.57
CA PHE B 262 -23.19 -2.36 -12.72
C PHE B 262 -23.39 -0.85 -12.76
N LEU B 263 -24.60 -0.38 -12.44
CA LEU B 263 -24.84 1.05 -12.43
C LEU B 263 -24.11 1.73 -11.28
N LYS B 264 -24.03 1.06 -10.12
CA LYS B 264 -23.39 1.68 -8.97
C LYS B 264 -21.88 1.75 -9.12
N SER B 265 -21.25 0.67 -9.56
CA SER B 265 -19.79 0.58 -9.58
C SER B 265 -19.20 0.26 -10.94
N GLY B 266 -19.96 -0.31 -11.87
CA GLY B 266 -19.44 -0.58 -13.20
C GLY B 266 -18.69 -1.89 -13.35
N ARG B 267 -18.70 -2.76 -12.34
CA ARG B 267 -17.94 -4.00 -12.40
C ARG B 267 -18.79 -5.13 -11.83
N ILE B 268 -19.32 -5.99 -12.69
CA ILE B 268 -19.99 -7.22 -12.27
C ILE B 268 -19.17 -8.39 -12.79
N ASP B 269 -19.59 -9.62 -12.46
CA ASP B 269 -18.79 -10.79 -12.78
C ASP B 269 -18.81 -11.14 -14.27
N HIS B 270 -19.70 -10.54 -15.06
CA HIS B 270 -19.74 -10.83 -16.49
C HIS B 270 -19.74 -9.58 -17.36
N SER B 271 -19.40 -8.42 -16.81
CA SER B 271 -19.33 -7.20 -17.59
C SER B 271 -18.48 -6.17 -16.85
N ALA B 272 -17.97 -5.20 -17.60
CA ALA B 272 -17.21 -4.10 -17.05
C ALA B 272 -17.49 -2.86 -17.89
N VAL B 273 -17.70 -1.73 -17.22
CA VAL B 273 -18.08 -0.51 -17.90
C VAL B 273 -16.88 0.11 -18.61
N PHE B 274 -17.16 0.78 -19.73
CA PHE B 274 -16.12 1.45 -20.50
C PHE B 274 -16.80 2.48 -21.40
N GLY B 275 -15.98 3.17 -22.19
CA GLY B 275 -16.51 4.10 -23.18
C GLY B 275 -17.29 5.24 -22.55
N GLY B 276 -18.41 5.60 -23.19
CA GLY B 276 -19.26 6.64 -22.66
C GLY B 276 -20.02 6.23 -21.42
N MET B 277 -20.36 4.96 -21.30
CA MET B 277 -21.02 4.54 -20.10
C MET B 277 -20.07 4.78 -18.93
N ALA B 278 -18.79 4.56 -19.14
CA ALA B 278 -17.84 4.72 -18.05
C ALA B 278 -18.03 6.06 -17.35
N ASP B 279 -18.03 7.16 -18.11
CA ASP B 279 -18.19 8.46 -17.47
C ASP B 279 -19.64 8.76 -17.13
N VAL B 280 -20.61 8.09 -17.77
CA VAL B 280 -22.00 8.20 -17.32
C VAL B 280 -22.13 7.64 -15.91
N VAL B 281 -21.50 6.49 -15.66
CA VAL B 281 -21.51 5.90 -14.31
C VAL B 281 -20.70 6.76 -13.35
N ALA B 282 -19.50 7.19 -13.78
CA ALA B 282 -18.61 7.91 -12.88
C ALA B 282 -19.19 9.25 -12.45
N TYR B 283 -19.81 9.98 -13.38
CA TYR B 283 -20.27 11.32 -13.08
C TYR B 283 -21.69 11.35 -12.51
N SER B 284 -22.57 10.48 -12.98
CA SER B 284 -23.98 10.55 -12.59
C SER B 284 -24.44 9.35 -11.79
N THR B 285 -24.29 8.13 -12.31
CA THR B 285 -25.03 7.00 -11.76
C THR B 285 -24.47 6.51 -10.44
N GLN B 286 -23.16 6.63 -10.22
CA GLN B 286 -22.57 6.16 -8.97
C GLN B 286 -23.05 6.96 -7.77
N HIS B 287 -23.61 8.15 -7.99
CA HIS B 287 -24.13 8.98 -6.92
C HIS B 287 -25.60 8.77 -6.64
N TRP B 288 -26.25 7.86 -7.38
CA TRP B 288 -27.66 7.60 -7.17
C TRP B 288 -27.88 6.84 -5.86
N SER B 289 -29.04 7.06 -5.26
CA SER B 289 -29.41 6.31 -4.07
C SER B 289 -29.72 4.86 -4.44
N ASP B 290 -29.61 3.98 -3.44
CA ASP B 290 -29.87 2.56 -3.68
C ASP B 290 -31.31 2.34 -4.13
N ASP B 291 -32.24 3.11 -3.57
CA ASP B 291 -33.63 2.98 -3.97
C ASP B 291 -33.81 3.35 -5.44
N ASP B 292 -33.17 4.43 -5.89
CA ASP B 292 -33.29 4.84 -7.29
C ASP B 292 -32.68 3.81 -8.23
N LEU B 293 -31.52 3.28 -7.89
CA LEU B 293 -30.89 2.25 -8.72
C LEU B 293 -31.76 1.00 -8.79
N ARG B 294 -32.32 0.59 -7.64
CA ARG B 294 -33.18 -0.58 -7.62
C ARG B 294 -34.43 -0.36 -8.46
N ALA B 295 -35.03 0.83 -8.37
CA ALA B 295 -36.21 1.13 -9.17
C ALA B 295 -35.88 1.13 -10.66
N THR B 296 -34.73 1.69 -11.03
CA THR B 296 -34.32 1.69 -12.43
C THR B 296 -34.13 0.27 -12.94
N ALA B 297 -33.46 -0.57 -12.16
CA ALA B 297 -33.27 -1.97 -12.56
C ALA B 297 -34.59 -2.71 -12.67
N LYS B 298 -35.51 -2.46 -11.74
CA LYS B 298 -36.81 -3.11 -11.79
C LYS B 298 -37.58 -2.70 -13.04
N TYR B 299 -37.56 -1.40 -13.36
CA TYR B 299 -38.25 -0.93 -14.58
C TYR B 299 -37.61 -1.52 -15.82
N LEU B 300 -36.27 -1.58 -15.86
CA LEU B 300 -35.60 -2.15 -17.03
C LEU B 300 -35.95 -3.62 -17.21
N LYS B 301 -36.00 -4.38 -16.11
CA LYS B 301 -36.32 -5.80 -16.21
C LYS B 301 -37.81 -6.05 -16.45
N SER B 302 -38.67 -5.09 -16.14
CA SER B 302 -40.10 -5.27 -16.28
C SER B 302 -40.64 -4.84 -17.64
N MET B 303 -39.78 -4.42 -18.57
CA MET B 303 -40.22 -3.94 -19.86
C MET B 303 -40.77 -5.10 -20.70
N PRO B 304 -41.63 -4.79 -21.68
CA PRO B 304 -42.20 -5.86 -22.52
C PRO B 304 -41.12 -6.64 -23.26
N ALA B 305 -41.41 -7.92 -23.49
CA ALA B 305 -40.46 -8.81 -24.13
C ALA B 305 -40.19 -8.39 -25.57
N VAL B 306 -38.99 -8.70 -26.03
CA VAL B 306 -38.55 -8.33 -27.38
C VAL B 306 -38.03 -9.59 -28.06
N PRO B 307 -38.12 -9.69 -29.38
CA PRO B 307 -37.66 -10.90 -30.07
C PRO B 307 -36.17 -11.13 -29.86
N GLU B 308 -35.80 -12.40 -29.73
CA GLU B 308 -34.40 -12.77 -29.53
C GLU B 308 -33.62 -12.65 -30.83
N GLY B 309 -32.31 -12.43 -30.71
CA GLY B 309 -31.44 -12.30 -31.85
C GLY B 309 -30.72 -13.60 -32.18
N LYS B 310 -30.00 -13.57 -33.30
CA LYS B 310 -29.23 -14.72 -33.79
C LYS B 310 -27.73 -14.46 -33.73
N ASN B 311 -27.30 -13.43 -33.02
CA ASN B 311 -25.89 -13.07 -32.98
C ASN B 311 -25.08 -13.89 -31.98
N LEU B 312 -25.73 -14.72 -31.16
CA LEU B 312 -25.05 -15.56 -30.20
C LEU B 312 -25.46 -17.01 -30.40
N GLY B 313 -24.48 -17.90 -30.35
CA GLY B 313 -24.75 -19.33 -30.51
C GLY B 313 -24.24 -20.16 -29.35
N GLN B 314 -23.94 -21.43 -29.62
CA GLN B 314 -23.41 -22.35 -28.62
C GLN B 314 -21.96 -22.65 -28.92
N ASP B 315 -21.11 -22.59 -27.90
CA ASP B 315 -19.69 -22.85 -28.04
C ASP B 315 -19.44 -24.34 -27.92
N ASP B 316 -18.83 -24.92 -28.95
CA ASP B 316 -18.50 -26.33 -28.98
C ASP B 316 -17.03 -26.60 -28.70
N GLY B 317 -16.27 -25.58 -28.30
CA GLY B 317 -14.87 -25.75 -27.97
C GLY B 317 -13.92 -25.69 -29.14
N GLN B 318 -14.41 -25.41 -30.35
CA GLN B 318 -13.52 -25.31 -31.50
C GLN B 318 -12.54 -24.16 -31.34
N THR B 319 -13.03 -23.00 -30.91
CA THR B 319 -12.14 -21.86 -30.68
C THR B 319 -11.17 -22.15 -29.55
N THR B 320 -11.66 -22.76 -28.46
CA THR B 320 -10.78 -23.09 -27.35
C THR B 320 -9.71 -24.09 -27.77
N ALA B 321 -10.09 -25.10 -28.55
CA ALA B 321 -9.11 -26.07 -29.04
C ALA B 321 -8.09 -25.41 -29.97
N LEU B 322 -8.57 -24.51 -30.84
CA LEU B 322 -7.66 -23.79 -31.72
C LEU B 322 -6.66 -22.96 -30.94
N LEU B 323 -7.11 -22.27 -29.90
CA LEU B 323 -6.21 -21.45 -29.09
C LEU B 323 -5.28 -22.32 -28.24
N ASN B 324 -5.74 -23.50 -27.81
CA ASN B 324 -4.87 -24.40 -27.08
C ASN B 324 -3.78 -24.96 -27.98
N LYS B 325 -4.10 -25.21 -29.25
CA LYS B 325 -3.09 -25.69 -30.19
C LYS B 325 -2.02 -24.63 -30.42
N GLY B 326 -2.41 -23.37 -30.53
CA GLY B 326 -1.46 -22.30 -30.76
C GLY B 326 -1.88 -21.34 -31.85
N GLY B 327 -3.10 -21.52 -32.35
CA GLY B 327 -3.62 -20.69 -33.42
C GLY B 327 -3.53 -21.37 -34.77
N GLN B 328 -2.39 -22.01 -35.03
CA GLN B 328 -2.14 -22.82 -36.22
C GLN B 328 -2.64 -22.15 -37.50
N GLY B 329 -2.09 -20.96 -37.75
CA GLY B 329 -2.28 -20.27 -39.01
C GLY B 329 -3.41 -19.26 -39.04
N ASN B 330 -4.21 -19.17 -37.98
CA ASN B 330 -5.26 -18.17 -37.89
C ASN B 330 -4.66 -16.87 -37.35
N ALA B 331 -4.68 -15.82 -38.16
CA ALA B 331 -4.06 -14.57 -37.78
C ALA B 331 -4.74 -13.97 -36.55
N GLY B 332 -6.07 -13.96 -36.54
CA GLY B 332 -6.78 -13.45 -35.38
C GLY B 332 -6.51 -14.26 -34.13
N ALA B 333 -6.48 -15.59 -34.25
CA ALA B 333 -6.17 -16.44 -33.12
C ALA B 333 -4.76 -16.19 -32.60
N GLU B 334 -3.80 -16.02 -33.51
CA GLU B 334 -2.43 -15.74 -33.09
C GLU B 334 -2.33 -14.41 -32.36
N VAL B 335 -3.00 -13.38 -32.88
CA VAL B 335 -2.98 -12.08 -32.21
C VAL B 335 -3.62 -12.17 -30.84
N TYR B 336 -4.76 -12.88 -30.75
CA TYR B 336 -5.42 -13.05 -29.46
C TYR B 336 -4.54 -13.79 -28.47
N LEU B 337 -3.86 -14.85 -28.92
CA LEU B 337 -3.00 -15.62 -28.04
C LEU B 337 -1.82 -14.78 -27.56
N HIS B 338 -1.23 -13.99 -28.45
CA HIS B 338 -0.04 -13.23 -28.10
C HIS B 338 -0.33 -11.93 -27.36
N ASN B 339 -1.58 -11.44 -27.38
CA ASN B 339 -1.84 -10.14 -26.79
C ASN B 339 -2.98 -10.14 -25.78
N CYS B 340 -3.97 -11.01 -25.96
CA CYS B 340 -5.21 -10.92 -25.20
C CYS B 340 -5.54 -12.13 -24.35
N ALA B 341 -5.04 -13.32 -24.69
CA ALA B 341 -5.45 -14.53 -23.99
C ALA B 341 -5.01 -14.56 -22.54
N ILE B 342 -4.02 -13.74 -22.16
CA ILE B 342 -3.54 -13.76 -20.78
C ILE B 342 -4.60 -13.24 -19.82
N CYS B 343 -5.36 -12.24 -20.24
CA CYS B 343 -6.38 -11.65 -19.38
C CYS B 343 -7.78 -12.24 -19.60
N HIS B 344 -8.11 -12.62 -20.82
CA HIS B 344 -9.47 -13.06 -21.15
C HIS B 344 -9.58 -14.56 -21.36
N MET B 345 -8.51 -15.31 -21.08
CA MET B 345 -8.51 -16.78 -21.13
C MET B 345 -8.72 -17.32 -22.54
N ASN B 346 -8.40 -18.60 -22.74
CA ASN B 346 -8.53 -19.24 -24.04
C ASN B 346 -9.97 -19.56 -24.40
N ASP B 347 -10.89 -19.54 -23.44
CA ASP B 347 -12.30 -19.77 -23.70
C ASP B 347 -13.10 -18.48 -23.74
N GLY B 348 -12.44 -17.33 -23.65
CA GLY B 348 -13.13 -16.06 -23.73
C GLY B 348 -13.98 -15.72 -22.53
N THR B 349 -13.76 -16.39 -21.40
CA THR B 349 -14.57 -16.18 -20.21
C THR B 349 -13.97 -15.15 -19.25
N GLY B 350 -12.69 -14.86 -19.35
CA GLY B 350 -12.08 -13.89 -18.49
C GLY B 350 -12.05 -14.33 -17.03
N VAL B 351 -11.97 -13.34 -16.15
CA VAL B 351 -11.98 -13.54 -14.71
C VAL B 351 -13.15 -12.77 -14.12
N ASN B 352 -13.91 -13.43 -13.26
CA ASN B 352 -15.10 -12.81 -12.68
C ASN B 352 -14.73 -11.54 -11.93
N ARG B 353 -15.42 -10.44 -12.26
CA ARG B 353 -15.27 -9.15 -11.60
C ARG B 353 -13.89 -8.54 -11.77
N MET B 354 -13.01 -9.20 -12.53
CA MET B 354 -11.70 -8.64 -12.84
C MET B 354 -11.53 -8.37 -14.33
N PHE B 355 -11.69 -9.38 -15.18
CA PHE B 355 -11.55 -9.24 -16.62
C PHE B 355 -12.84 -9.71 -17.28
N PRO B 356 -13.59 -8.83 -17.95
CA PRO B 356 -14.88 -9.23 -18.47
C PRO B 356 -14.74 -10.29 -19.55
N PRO B 357 -15.72 -11.19 -19.68
CA PRO B 357 -15.65 -12.21 -20.73
C PRO B 357 -15.85 -11.61 -22.11
N LEU B 358 -15.32 -12.32 -23.10
CA LEU B 358 -15.55 -11.98 -24.50
C LEU B 358 -16.47 -12.96 -25.21
N ALA B 359 -16.75 -14.11 -24.61
CA ALA B 359 -17.67 -15.07 -25.17
C ALA B 359 -19.08 -14.77 -24.66
N GLY B 360 -19.97 -14.41 -25.57
CA GLY B 360 -21.33 -14.06 -25.20
C GLY B 360 -21.49 -12.65 -24.69
N ASN B 361 -20.44 -11.85 -24.68
CA ASN B 361 -20.54 -10.46 -24.22
C ASN B 361 -21.30 -9.64 -25.24
N PRO B 362 -22.41 -8.99 -24.87
CA PRO B 362 -23.19 -8.24 -25.87
C PRO B 362 -22.41 -7.13 -26.57
N VAL B 363 -21.45 -6.52 -25.89
CA VAL B 363 -20.65 -5.48 -26.54
C VAL B 363 -19.81 -6.06 -27.67
N VAL B 364 -19.32 -7.29 -27.51
CA VAL B 364 -18.64 -7.97 -28.59
C VAL B 364 -19.62 -8.53 -29.62
N ILE B 365 -20.89 -8.63 -29.25
CA ILE B 365 -21.89 -9.30 -30.08
C ILE B 365 -22.62 -8.35 -31.04
N THR B 366 -22.67 -7.06 -30.73
CA THR B 366 -23.48 -6.11 -31.50
C THR B 366 -23.04 -6.09 -32.96
N ASP B 367 -23.97 -5.67 -33.82
CA ASP B 367 -23.74 -5.70 -35.26
C ASP B 367 -22.61 -4.76 -35.68
N ASP B 368 -22.58 -3.56 -35.12
CA ASP B 368 -21.56 -2.58 -35.48
C ASP B 368 -20.32 -2.76 -34.62
N PRO B 369 -19.17 -3.07 -35.21
CA PRO B 369 -17.97 -3.35 -34.40
C PRO B 369 -17.15 -2.13 -34.05
N THR B 370 -17.72 -0.93 -34.19
CA THR B 370 -16.96 0.29 -33.97
C THR B 370 -16.48 0.40 -32.53
N SER B 371 -17.37 0.16 -31.57
CA SER B 371 -16.97 0.26 -30.16
C SER B 371 -15.98 -0.83 -29.79
N LEU B 372 -16.07 -2.00 -30.42
CA LEU B 372 -15.12 -3.07 -30.16
C LEU B 372 -13.70 -2.64 -30.53
N ALA B 373 -13.53 -2.13 -31.75
CA ALA B 373 -12.20 -1.66 -32.16
C ALA B 373 -11.77 -0.44 -31.37
N ASN B 374 -12.71 0.40 -30.94
CA ASN B 374 -12.36 1.54 -30.12
C ASN B 374 -11.79 1.11 -28.76
N VAL B 375 -12.43 0.13 -28.12
CA VAL B 375 -11.94 -0.35 -26.83
C VAL B 375 -10.69 -1.20 -26.98
N VAL B 376 -10.48 -1.81 -28.15
CA VAL B 376 -9.22 -2.50 -28.38
C VAL B 376 -8.08 -1.49 -28.56
N ALA B 377 -8.32 -0.43 -29.34
CA ALA B 377 -7.28 0.55 -29.59
C ALA B 377 -6.93 1.34 -28.33
N PHE B 378 -7.94 1.79 -27.59
CA PHE B 378 -7.74 2.52 -26.34
C PHE B 378 -8.24 1.67 -25.18
N GLY B 379 -7.40 1.52 -24.16
CA GLY B 379 -7.71 0.65 -23.05
C GLY B 379 -8.71 1.23 -22.08
N GLY B 380 -8.55 0.96 -20.79
CA GLY B 380 -9.49 1.49 -19.83
C GLY B 380 -9.17 1.16 -18.39
N ILE B 381 -9.19 2.16 -17.51
CA ILE B 381 -8.79 1.98 -16.13
C ILE B 381 -10.04 2.00 -15.25
N LEU B 382 -10.18 0.99 -14.41
CA LEU B 382 -11.33 0.89 -13.53
C LEU B 382 -10.88 0.78 -12.08
N PRO B 383 -11.42 1.60 -11.18
CA PRO B 383 -11.02 1.56 -9.78
C PRO B 383 -11.56 0.32 -9.08
N PRO B 384 -11.00 -0.06 -7.94
CA PRO B 384 -11.53 -1.22 -7.22
C PRO B 384 -12.84 -0.89 -6.55
N THR B 385 -13.67 -1.90 -6.37
CA THR B 385 -14.95 -1.79 -5.69
C THR B 385 -14.98 -2.73 -4.49
N ASN B 386 -16.11 -2.74 -3.78
CA ASN B 386 -16.24 -3.63 -2.64
C ASN B 386 -16.22 -5.09 -3.08
N SER B 387 -16.94 -5.42 -4.13
CA SER B 387 -17.01 -6.79 -4.63
C SER B 387 -16.00 -7.08 -5.74
N ALA B 388 -15.39 -6.04 -6.32
CA ALA B 388 -14.41 -6.19 -7.38
C ALA B 388 -13.16 -5.41 -6.99
N PRO B 389 -12.31 -6.01 -6.15
CA PRO B 389 -11.08 -5.31 -5.74
C PRO B 389 -10.03 -5.32 -6.83
N SER B 390 -8.82 -4.87 -6.51
CA SER B 390 -7.68 -4.96 -7.43
C SER B 390 -7.97 -4.19 -8.73
N ALA B 391 -7.97 -2.86 -8.59
CA ALA B 391 -8.14 -1.93 -9.71
C ALA B 391 -7.46 -2.44 -10.97
N VAL B 392 -8.20 -2.41 -12.09
CA VAL B 392 -7.80 -3.08 -13.32
C VAL B 392 -7.53 -2.02 -14.39
N ALA B 393 -6.83 -2.43 -15.44
CA ALA B 393 -6.42 -1.51 -16.50
C ALA B 393 -6.22 -2.26 -17.82
N MET B 394 -7.11 -2.07 -18.78
CA MET B 394 -6.79 -2.37 -20.17
C MET B 394 -5.70 -1.45 -20.69
N PRO B 395 -4.59 -1.98 -21.19
CA PRO B 395 -3.67 -1.19 -22.00
C PRO B 395 -4.30 -0.83 -23.35
N GLY B 396 -3.88 0.31 -23.88
CA GLY B 396 -4.32 0.70 -25.21
C GLY B 396 -3.43 0.10 -26.29
N PHE B 397 -3.99 -0.76 -27.14
CA PHE B 397 -3.20 -1.48 -28.14
C PHE B 397 -3.06 -0.72 -29.44
N LYS B 398 -3.37 0.58 -29.46
CA LYS B 398 -3.24 1.35 -30.68
C LYS B 398 -1.79 1.49 -31.13
N ASN B 399 -0.84 1.39 -30.22
CA ASN B 399 0.58 1.48 -30.56
C ASN B 399 1.30 0.14 -30.56
N HIS B 400 0.82 -0.85 -29.80
CA HIS B 400 1.46 -2.14 -29.79
C HIS B 400 1.16 -2.96 -31.03
N LEU B 401 -0.05 -2.82 -31.59
CA LEU B 401 -0.48 -3.60 -32.74
C LEU B 401 -0.75 -2.70 -33.93
N SER B 402 -0.59 -3.27 -35.13
CA SER B 402 -0.93 -2.56 -36.35
C SER B 402 -2.44 -2.62 -36.60
N ASP B 403 -2.89 -1.89 -37.62
CA ASP B 403 -4.31 -1.86 -37.94
C ASP B 403 -4.79 -3.24 -38.38
N GLN B 404 -3.99 -3.94 -39.20
CA GLN B 404 -4.39 -5.27 -39.67
C GLN B 404 -4.50 -6.25 -38.51
N GLU B 405 -3.56 -6.20 -37.57
CA GLU B 405 -3.60 -7.11 -36.43
C GLU B 405 -4.84 -6.89 -35.57
N MET B 406 -5.18 -5.62 -35.31
CA MET B 406 -6.35 -5.34 -34.49
C MET B 406 -7.64 -5.68 -35.23
N ALA B 407 -7.68 -5.46 -36.55
CA ALA B 407 -8.84 -5.89 -37.33
C ALA B 407 -9.00 -7.40 -37.28
N ASP B 408 -7.89 -8.14 -37.40
CA ASP B 408 -7.95 -9.59 -37.33
C ASP B 408 -8.43 -10.06 -35.97
N VAL B 409 -7.92 -9.46 -34.89
CA VAL B 409 -8.33 -9.88 -33.56
C VAL B 409 -9.80 -9.55 -33.31
N VAL B 410 -10.28 -8.42 -33.85
CA VAL B 410 -11.68 -8.06 -33.70
C VAL B 410 -12.57 -9.06 -34.43
N ASN B 411 -12.19 -9.42 -35.66
CA ASN B 411 -12.96 -10.43 -36.39
C ASN B 411 -12.95 -11.77 -35.66
N PHE B 412 -11.79 -12.15 -35.11
CA PHE B 412 -11.69 -13.43 -34.40
C PHE B 412 -12.58 -13.45 -33.18
N MET B 413 -12.58 -12.37 -32.38
CA MET B 413 -13.43 -12.36 -31.20
C MET B 413 -14.90 -12.25 -31.57
N ARG B 414 -15.21 -11.63 -32.71
CA ARG B 414 -16.60 -11.57 -33.16
C ARG B 414 -17.10 -12.89 -33.70
N LYS B 415 -16.20 -13.77 -34.15
CA LYS B 415 -16.59 -15.08 -34.67
C LYS B 415 -15.93 -16.21 -33.87
N GLY B 416 -15.93 -16.10 -32.55
CA GLY B 416 -15.27 -17.08 -31.71
C GLY B 416 -16.11 -17.44 -30.51
N TRP B 417 -15.91 -18.66 -30.02
CA TRP B 417 -16.61 -19.19 -28.84
C TRP B 417 -18.12 -19.11 -29.01
N GLY B 418 -18.60 -19.42 -30.22
CA GLY B 418 -20.02 -19.39 -30.49
C GLY B 418 -20.59 -18.04 -30.87
N ASN B 419 -19.78 -16.99 -30.83
CA ASN B 419 -20.25 -15.68 -31.26
C ASN B 419 -20.54 -15.69 -32.75
N ASN B 420 -21.60 -14.99 -33.14
CA ASN B 420 -22.05 -14.97 -34.52
C ASN B 420 -22.31 -13.54 -34.99
N ALA B 421 -21.48 -12.61 -34.54
CA ALA B 421 -21.63 -11.22 -34.96
C ALA B 421 -21.33 -11.08 -36.45
N PRO B 422 -22.11 -10.30 -37.17
CA PRO B 422 -21.93 -10.20 -38.62
C PRO B 422 -20.91 -9.13 -39.02
N GLY B 423 -20.49 -9.20 -40.27
CA GLY B 423 -19.59 -8.22 -40.84
C GLY B 423 -18.13 -8.54 -40.60
N THR B 424 -17.28 -7.82 -41.33
CA THR B 424 -15.84 -7.93 -41.21
C THR B 424 -15.24 -6.53 -41.09
N VAL B 425 -14.14 -6.43 -40.36
CA VAL B 425 -13.45 -5.16 -40.12
C VAL B 425 -12.16 -5.16 -40.91
N SER B 426 -11.93 -4.10 -41.67
CA SER B 426 -10.72 -3.94 -42.45
C SER B 426 -9.75 -3.00 -41.74
N ALA B 427 -8.54 -2.90 -42.28
CA ALA B 427 -7.54 -2.01 -41.71
C ALA B 427 -7.93 -0.55 -41.86
N SER B 428 -8.71 -0.23 -42.89
CA SER B 428 -9.12 1.17 -43.10
C SER B 428 -9.99 1.67 -41.96
N ASP B 429 -10.94 0.85 -41.49
CA ASP B 429 -11.78 1.25 -40.37
C ASP B 429 -10.95 1.43 -39.11
N ILE B 430 -9.98 0.55 -38.88
CA ILE B 430 -9.11 0.66 -37.72
C ILE B 430 -8.31 1.94 -37.78
N GLN B 431 -7.76 2.28 -38.96
CA GLN B 431 -6.98 3.50 -39.09
C GLN B 431 -7.85 4.74 -38.97
N LYS B 432 -9.12 4.64 -39.36
CA LYS B 432 -10.05 5.75 -39.14
C LYS B 432 -10.33 5.93 -37.66
N LEU B 433 -10.48 4.82 -36.93
CA LEU B 433 -10.79 4.91 -35.50
C LEU B 433 -9.58 5.38 -34.69
N ARG B 434 -8.36 5.04 -35.13
CA ARG B 434 -7.17 5.42 -34.37
C ARG B 434 -6.92 6.92 -34.45
N THR B 435 -7.39 7.58 -35.51
CA THR B 435 -7.20 9.03 -35.61
C THR B 435 -8.31 9.77 -34.89
N THR B 436 -9.57 9.42 -35.17
CA THR B 436 -10.72 10.01 -34.49
C THR B 436 -11.07 9.14 -33.29
N GLY B 437 -10.46 9.46 -32.15
CA GLY B 437 -10.68 8.70 -30.93
C GLY B 437 -9.65 9.02 -29.87
N ALA B 438 -10.03 8.86 -28.60
CA ALA B 438 -9.17 9.18 -27.49
C ALA B 438 -9.58 8.35 -26.28
N PRO B 439 -8.65 8.07 -25.36
CA PRO B 439 -9.02 7.34 -24.14
C PRO B 439 -9.98 8.15 -23.28
N VAL B 440 -10.79 7.43 -22.51
CA VAL B 440 -11.74 8.09 -21.62
C VAL B 440 -10.99 8.84 -20.52
N SER B 441 -11.67 9.83 -19.94
CA SER B 441 -11.02 10.74 -18.99
C SER B 441 -10.63 10.01 -17.70
N THR B 442 -11.51 9.14 -17.20
CA THR B 442 -11.32 8.51 -15.89
C THR B 442 -11.11 9.55 -14.79
N ALA B 443 -11.71 10.72 -14.96
CA ALA B 443 -11.60 11.79 -13.97
C ALA B 443 -12.83 11.94 -13.10
N GLY B 444 -13.99 11.48 -13.56
CA GLY B 444 -15.18 11.50 -12.73
C GLY B 444 -15.18 10.50 -11.61
N TRP B 445 -14.32 9.48 -11.69
CA TRP B 445 -14.17 8.52 -10.61
C TRP B 445 -13.53 9.12 -9.37
N ASN B 446 -12.88 10.29 -9.50
CA ASN B 446 -12.04 10.84 -8.45
C ASN B 446 -12.61 12.13 -7.88
N VAL B 447 -13.88 12.43 -8.16
CA VAL B 447 -14.51 13.65 -7.66
C VAL B 447 -15.77 13.27 -6.89
N SER B 448 -15.89 13.81 -5.67
CA SER B 448 -17.10 13.73 -4.85
C SER B 448 -17.69 12.32 -4.81
N SER B 449 -16.82 11.35 -4.57
CA SER B 449 -17.22 9.95 -4.57
C SER B 449 -16.81 9.29 -3.26
N LYS B 450 -17.67 8.41 -2.76
CA LYS B 450 -17.35 7.61 -1.58
C LYS B 450 -16.47 6.41 -1.92
N GLY B 451 -16.34 6.08 -3.20
CA GLY B 451 -15.53 4.94 -3.61
C GLY B 451 -14.07 5.30 -3.76
N TRP B 452 -13.32 4.36 -4.31
CA TRP B 452 -11.88 4.53 -4.48
C TRP B 452 -11.56 5.28 -5.77
N MET B 453 -10.39 5.91 -5.77
CA MET B 453 -9.89 6.62 -6.94
C MET B 453 -9.55 5.63 -8.06
N ALA B 454 -9.59 6.13 -9.29
CA ALA B 454 -9.18 5.33 -10.44
C ALA B 454 -7.66 5.41 -10.54
N TYR B 455 -6.98 4.34 -10.14
CA TYR B 455 -5.53 4.35 -10.00
C TYR B 455 -4.88 3.96 -11.31
N MET B 456 -3.98 4.81 -11.79
CA MET B 456 -3.26 4.55 -13.02
C MET B 456 -2.29 3.38 -12.83
N PRO B 457 -2.07 2.58 -13.87
CA PRO B 457 -1.19 1.42 -13.72
C PRO B 457 0.28 1.79 -13.82
N GLN B 458 1.10 1.03 -13.09
CA GLN B 458 2.54 1.18 -13.18
C GLN B 458 3.05 0.54 -14.46
N PRO B 459 4.21 0.96 -14.96
CA PRO B 459 4.82 0.28 -16.11
C PRO B 459 5.11 -1.17 -15.79
N TYR B 460 4.92 -2.03 -16.79
CA TYR B 460 5.12 -3.47 -16.57
C TYR B 460 6.58 -3.80 -16.30
N GLY B 461 7.48 -3.28 -17.12
CA GLY B 461 8.89 -3.56 -16.95
C GLY B 461 9.59 -3.58 -18.30
N GLU B 462 10.90 -3.84 -18.24
CA GLU B 462 11.72 -3.84 -19.45
C GLU B 462 11.54 -5.11 -20.28
N ASP B 463 11.25 -6.25 -19.65
CA ASP B 463 11.21 -7.53 -20.34
C ASP B 463 9.83 -8.15 -20.31
N TRP B 464 8.79 -7.33 -20.28
CA TRP B 464 7.43 -7.82 -20.17
C TRP B 464 6.85 -8.15 -21.54
N THR B 465 6.03 -9.19 -21.59
CA THR B 465 5.29 -9.56 -22.79
C THR B 465 4.02 -10.27 -22.39
N PHE B 466 2.95 -10.01 -23.13
CA PHE B 466 1.68 -10.70 -22.89
C PHE B 466 1.66 -12.10 -23.50
N SER B 467 2.59 -12.39 -24.40
CA SER B 467 2.64 -13.70 -25.03
C SER B 467 3.10 -14.75 -24.03
N PRO B 468 2.66 -16.00 -24.20
CA PRO B 468 3.11 -17.07 -23.29
C PRO B 468 4.60 -17.31 -23.40
N GLN B 469 5.09 -18.16 -22.50
CA GLN B 469 6.54 -18.40 -22.41
C GLN B 469 7.08 -19.03 -23.70
N THR B 470 6.30 -19.91 -24.33
CA THR B 470 6.75 -20.50 -25.59
C THR B 470 6.85 -19.45 -26.69
N HIS B 471 6.01 -18.42 -26.64
CA HIS B 471 5.94 -17.33 -27.63
C HIS B 471 6.12 -17.80 -29.06
N GLU C 26 28.36 4.65 40.19
CA GLU C 26 27.49 5.01 39.07
C GLU C 26 26.50 6.09 39.45
N GLN C 27 25.29 5.67 39.82
CA GLN C 27 24.15 6.54 40.15
C GLN C 27 23.76 7.44 38.98
N SER C 28 24.34 7.20 37.80
CA SER C 28 23.97 7.71 36.49
C SER C 28 22.75 6.91 36.05
N PRO C 29 22.24 7.09 34.83
CA PRO C 29 21.30 6.11 34.29
C PRO C 29 21.75 4.71 34.64
N PRO C 30 20.94 3.97 35.40
CA PRO C 30 21.47 2.82 36.12
C PRO C 30 22.00 1.77 35.16
N PRO C 31 23.07 1.09 35.52
CA PRO C 31 23.62 0.04 34.66
C PRO C 31 22.77 -1.22 34.75
N PRO C 32 22.97 -2.16 33.84
CA PRO C 32 22.26 -3.45 33.95
C PRO C 32 22.60 -4.13 35.27
N PRO C 33 21.63 -4.80 35.90
CA PRO C 33 21.89 -5.43 37.19
C PRO C 33 22.91 -6.55 37.07
N ALA C 34 23.63 -6.80 38.16
CA ALA C 34 24.65 -7.83 38.17
C ALA C 34 24.03 -9.19 37.89
N VAL C 35 24.71 -9.99 37.07
CA VAL C 35 24.18 -11.30 36.71
C VAL C 35 24.29 -12.26 37.90
N GLN C 36 23.46 -13.29 37.87
CA GLN C 36 23.40 -14.28 38.93
C GLN C 36 23.91 -15.61 38.42
N GLY C 37 24.78 -16.24 39.20
CA GLY C 37 25.36 -17.51 38.83
C GLY C 37 26.70 -17.71 39.52
N THR C 38 27.19 -18.94 39.41
CA THR C 38 28.46 -19.30 40.03
C THR C 38 29.53 -19.41 38.95
N PRO C 39 30.46 -18.46 38.84
CA PRO C 39 31.52 -18.58 37.85
C PRO C 39 32.50 -19.68 38.21
N GLY C 40 33.13 -20.24 37.17
CA GLY C 40 34.12 -21.28 37.39
C GLY C 40 34.92 -21.53 36.14
N LYS C 41 36.12 -22.08 36.33
CA LYS C 41 37.00 -22.45 35.23
C LYS C 41 37.33 -23.94 35.25
N ASP C 42 36.56 -24.74 35.98
CA ASP C 42 36.74 -26.18 36.02
C ASP C 42 35.90 -26.81 34.93
N PHE C 43 36.54 -27.60 34.07
CA PHE C 43 35.90 -28.18 32.89
C PHE C 43 36.07 -29.70 32.87
N THR C 44 35.76 -30.33 34.00
CA THR C 44 35.98 -31.77 34.14
C THR C 44 35.01 -32.56 33.26
N GLY C 45 33.71 -32.40 33.49
CA GLY C 45 32.72 -33.20 32.79
C GLY C 45 31.75 -32.39 31.95
N VAL C 46 32.26 -31.39 31.23
CA VAL C 46 31.39 -30.51 30.45
C VAL C 46 30.74 -31.26 29.29
N SER C 47 31.40 -32.31 28.79
CA SER C 47 30.92 -33.13 27.67
C SER C 47 30.99 -32.34 26.36
N PRO C 48 31.16 -33.02 25.23
CA PRO C 48 31.25 -32.31 23.95
C PRO C 48 29.95 -31.61 23.59
N ALA C 49 30.08 -30.66 22.66
CA ALA C 49 29.00 -29.83 22.14
C ALA C 49 28.56 -28.81 23.18
N ASN C 50 29.10 -28.92 24.40
CA ASN C 50 29.02 -27.87 25.40
C ASN C 50 30.31 -27.07 25.47
N LEU C 51 31.45 -27.75 25.39
CA LEU C 51 32.72 -27.06 25.18
C LEU C 51 32.76 -26.40 23.83
N ALA C 52 32.12 -27.00 22.82
CA ALA C 52 32.04 -26.36 21.51
C ALA C 52 31.24 -25.06 21.59
N GLY C 53 30.13 -25.07 22.34
CA GLY C 53 29.38 -23.84 22.54
C GLY C 53 30.18 -22.80 23.32
N ILE C 54 30.90 -23.26 24.35
CA ILE C 54 31.73 -22.33 25.13
C ILE C 54 32.79 -21.68 24.26
N MET C 55 33.41 -22.48 23.37
CA MET C 55 34.39 -21.92 22.45
C MET C 55 33.77 -21.07 21.35
N ASN C 56 32.50 -21.31 21.00
CA ASN C 56 31.80 -20.35 20.15
C ASN C 56 31.62 -19.02 20.86
N TYR C 57 31.30 -19.07 22.15
CA TYR C 57 31.17 -17.86 22.95
C TYR C 57 32.52 -17.16 23.14
N CYS C 58 33.61 -17.93 23.19
CA CYS C 58 34.94 -17.37 23.44
C CYS C 58 35.66 -16.95 22.17
N VAL C 59 35.34 -17.53 21.01
CA VAL C 59 35.95 -17.06 19.77
C VAL C 59 35.44 -15.68 19.42
N GLU C 60 34.12 -15.49 19.50
CA GLU C 60 33.58 -14.14 19.53
C GLU C 60 33.85 -13.51 20.89
N GLN C 61 33.75 -12.19 20.96
CA GLN C 61 34.03 -11.43 22.18
C GLN C 61 35.49 -11.56 22.58
N GLN C 62 36.27 -12.27 21.77
CA GLN C 62 37.69 -12.56 22.03
C GLN C 62 37.78 -13.29 23.38
N TYR C 63 38.81 -13.03 24.18
CA TYR C 63 39.26 -13.71 25.38
C TYR C 63 40.08 -14.96 25.08
N VAL C 64 40.15 -15.45 23.84
CA VAL C 64 41.18 -16.46 23.55
C VAL C 64 42.00 -16.05 22.34
N SER C 65 41.39 -16.11 21.15
CA SER C 65 42.03 -15.73 19.89
C SER C 65 41.06 -15.91 18.73
N TYR C 66 41.57 -15.73 17.51
CA TYR C 66 40.91 -16.25 16.31
C TYR C 66 41.67 -17.41 15.69
N ASP C 67 42.86 -17.73 16.19
CA ASP C 67 43.73 -18.74 15.60
C ASP C 67 43.93 -19.98 16.44
N GLU C 68 43.80 -19.89 17.77
CA GLU C 68 43.88 -21.06 18.62
C GLU C 68 42.55 -21.47 19.21
N GLY C 69 41.50 -20.67 19.03
CA GLY C 69 40.17 -21.04 19.47
C GLY C 69 39.33 -21.58 18.33
N ASN C 70 39.56 -21.06 17.14
CA ASN C 70 38.85 -21.55 15.96
C ASN C 70 39.11 -23.01 15.64
N PRO C 71 40.35 -23.52 15.69
CA PRO C 71 40.54 -24.97 15.47
C PRO C 71 39.78 -25.83 16.46
N VAL C 72 39.62 -25.38 17.71
CA VAL C 72 38.84 -26.15 18.68
C VAL C 72 37.37 -26.15 18.29
N LEU C 73 36.82 -24.97 17.96
CA LEU C 73 35.41 -24.87 17.61
C LEU C 73 35.10 -25.66 16.34
N TYR C 74 35.95 -25.54 15.32
CA TYR C 74 35.81 -26.32 14.08
C TYR C 74 36.63 -27.58 14.25
N GLY C 75 35.98 -28.63 14.74
CA GLY C 75 36.68 -29.87 15.04
C GLY C 75 36.13 -30.49 16.30
N LEU C 76 35.60 -29.65 17.18
CA LEU C 76 34.79 -30.11 18.30
C LEU C 76 33.32 -30.12 17.95
N SER C 77 32.89 -29.23 17.05
CA SER C 77 31.53 -29.20 16.55
C SER C 77 31.33 -30.06 15.32
N GLU C 78 32.40 -30.61 14.75
CA GLU C 78 32.31 -31.52 13.62
C GLU C 78 32.49 -32.98 14.02
N LYS C 79 33.45 -33.26 14.90
CA LYS C 79 33.64 -34.62 15.37
C LYS C 79 32.44 -35.10 16.18
N TYR C 80 31.88 -34.23 17.01
CA TYR C 80 30.78 -34.59 17.90
C TYR C 80 29.43 -34.07 17.42
N LYS C 81 29.38 -33.46 16.22
CA LYS C 81 28.13 -33.07 15.57
C LYS C 81 27.31 -32.13 16.44
N ALA C 82 27.89 -30.95 16.71
CA ALA C 82 27.21 -29.98 17.55
C ALA C 82 26.05 -29.30 16.82
N THR C 83 26.25 -28.94 15.55
CA THR C 83 25.24 -28.22 14.78
C THR C 83 24.45 -29.14 13.85
N GLU C 84 25.14 -29.77 12.90
CA GLU C 84 24.61 -30.76 11.96
C GLU C 84 23.57 -30.20 10.99
N GLN C 85 23.19 -28.92 11.11
CA GLN C 85 22.37 -28.21 10.12
C GLN C 85 20.94 -28.73 10.05
N THR C 86 20.64 -29.84 10.74
CA THR C 86 19.28 -30.36 10.79
C THR C 86 18.93 -30.93 12.16
N VAL C 87 19.81 -30.79 13.15
CA VAL C 87 19.72 -31.48 14.42
C VAL C 87 19.75 -30.43 15.51
N GLY C 88 19.46 -30.85 16.74
CA GLY C 88 19.26 -29.96 17.87
C GLY C 88 20.55 -29.78 18.65
N ASN C 89 20.75 -30.58 19.69
CA ASN C 89 21.89 -30.44 20.59
C ASN C 89 21.82 -29.13 21.36
N PHE C 90 20.79 -29.02 22.22
CA PHE C 90 20.63 -27.90 23.14
C PHE C 90 21.92 -27.57 23.88
N ASP C 91 22.82 -28.54 24.04
CA ASP C 91 24.09 -28.30 24.70
C ASP C 91 24.94 -27.25 23.98
N TYR C 92 24.72 -27.03 22.68
CA TYR C 92 25.43 -25.98 21.97
C TYR C 92 24.96 -24.61 22.42
N ALA C 93 23.63 -24.42 22.48
CA ALA C 93 23.09 -23.15 22.99
C ALA C 93 23.47 -22.95 24.44
N LEU C 94 23.42 -24.01 25.24
CA LEU C 94 23.90 -23.95 26.63
C LEU C 94 25.43 -24.01 26.59
N GLY C 95 26.03 -22.83 26.40
CA GLY C 95 27.45 -22.73 26.17
C GLY C 95 27.77 -21.66 25.15
N THR C 96 26.86 -21.46 24.19
CA THR C 96 26.91 -20.23 23.40
C THR C 96 26.67 -19.03 24.30
N ALA C 97 25.83 -19.17 25.31
CA ALA C 97 25.77 -18.24 26.43
C ALA C 97 26.91 -18.59 27.40
N GLY C 98 26.86 -18.05 28.61
CA GLY C 98 27.93 -18.33 29.53
C GLY C 98 27.82 -19.63 30.31
N TYR C 99 26.78 -20.41 30.08
CA TYR C 99 26.50 -21.57 30.92
C TYR C 99 27.28 -22.80 30.47
N PHE C 100 27.70 -23.61 31.44
CA PHE C 100 28.24 -24.93 31.15
C PHE C 100 28.07 -25.81 32.39
N ASP C 101 27.76 -27.07 32.17
CA ASP C 101 27.53 -28.02 33.25
C ASP C 101 28.80 -28.82 33.54
N SER C 102 28.99 -29.19 34.80
CA SER C 102 30.15 -29.96 35.20
C SER C 102 29.85 -30.66 36.51
N ASN C 103 29.89 -31.99 36.51
CA ASN C 103 29.64 -32.80 37.70
C ASN C 103 28.28 -32.47 38.32
N GLY C 104 27.27 -32.32 37.47
CA GLY C 104 25.93 -32.00 37.93
C GLY C 104 25.80 -30.63 38.56
N LYS C 105 26.50 -29.64 38.02
CA LYS C 105 26.44 -28.28 38.52
C LYS C 105 26.65 -27.32 37.36
N ARG C 106 25.85 -26.26 37.32
CA ARG C 106 25.90 -25.28 36.25
C ARG C 106 26.74 -24.08 36.67
N PHE C 107 27.66 -23.67 35.80
CA PHE C 107 28.51 -22.51 36.03
C PHE C 107 28.30 -21.50 34.91
N TYR C 108 28.37 -20.23 35.27
CA TYR C 108 28.06 -19.13 34.36
C TYR C 108 29.33 -18.34 34.06
N LEU C 109 29.60 -18.13 32.77
CA LEU C 109 30.77 -17.36 32.35
C LEU C 109 30.49 -15.86 32.23
N VAL C 110 29.22 -15.46 32.16
CA VAL C 110 28.89 -14.03 32.18
C VAL C 110 29.05 -13.43 33.57
N ALA C 111 29.31 -14.27 34.57
CA ALA C 111 29.88 -13.81 35.83
C ALA C 111 31.36 -13.59 35.57
N TYR C 112 32.18 -13.46 36.63
CA TYR C 112 33.58 -13.10 36.47
C TYR C 112 33.70 -11.70 35.84
N THR C 113 33.19 -10.72 36.58
CA THR C 113 33.03 -9.36 36.06
C THR C 113 34.37 -8.69 35.75
N ASN C 114 35.47 -9.33 36.12
CA ASN C 114 36.79 -8.75 35.89
C ASN C 114 37.19 -8.79 34.43
N GLU C 115 36.69 -9.76 33.66
CA GLU C 115 37.01 -9.97 32.25
C GLU C 115 38.43 -10.48 32.06
N ASP C 116 39.21 -10.52 33.14
CA ASP C 116 40.48 -11.24 33.14
C ASP C 116 40.33 -12.66 33.65
N ASP C 117 39.24 -12.95 34.35
CA ASP C 117 38.87 -14.32 34.67
C ASP C 117 38.03 -14.97 33.58
N ARG C 118 37.38 -14.17 32.73
CA ARG C 118 36.79 -14.71 31.51
C ARG C 118 37.87 -15.30 30.61
N ARG C 119 38.97 -14.56 30.45
CA ARG C 119 40.19 -15.17 29.96
C ARG C 119 40.81 -16.03 31.04
N ALA C 120 41.61 -17.01 30.62
CA ALA C 120 42.12 -18.11 31.43
C ALA C 120 41.01 -19.05 31.85
N ALA C 121 39.75 -18.75 31.53
CA ALA C 121 38.65 -19.69 31.54
C ALA C 121 38.37 -20.24 30.15
N CYS C 122 38.40 -19.38 29.14
CA CYS C 122 38.39 -19.86 27.76
C CYS C 122 39.68 -20.63 27.44
N HIS C 123 40.81 -20.17 27.99
CA HIS C 123 42.04 -20.92 27.84
C HIS C 123 41.95 -22.27 28.54
N ALA C 124 41.32 -22.30 29.72
CA ALA C 124 41.09 -23.56 30.41
C ALA C 124 40.17 -24.47 29.59
N ALA C 125 39.17 -23.89 28.93
CA ALA C 125 38.30 -24.68 28.07
C ALA C 125 39.06 -25.26 26.88
N VAL C 126 39.96 -24.47 26.30
CA VAL C 126 40.81 -24.97 25.22
C VAL C 126 41.67 -26.13 25.71
N LYS C 127 42.26 -25.98 26.90
CA LYS C 127 43.07 -27.05 27.47
C LYS C 127 42.24 -28.31 27.69
N ALA C 128 41.02 -28.14 28.20
CA ALA C 128 40.15 -29.30 28.44
C ALA C 128 39.72 -29.95 27.14
N ALA C 129 39.53 -29.15 26.08
CA ALA C 129 39.15 -29.70 24.78
C ALA C 129 40.30 -30.35 24.04
N GLN C 130 41.54 -30.04 24.42
CA GLN C 130 42.70 -30.64 23.75
C GLN C 130 42.68 -32.17 23.72
N PRO C 131 42.45 -32.88 24.82
CA PRO C 131 42.35 -34.35 24.72
C PRO C 131 41.08 -34.82 24.03
N MET C 132 40.06 -33.97 23.96
CA MET C 132 38.79 -34.35 23.36
C MET C 132 38.89 -34.47 21.84
N LEU C 133 39.65 -33.58 21.21
CA LEU C 133 39.79 -33.58 19.76
C LEU C 133 40.55 -34.81 19.29
#